data_8R42
#
_entry.id   8R42
#
_cell.length_a   109.480
_cell.length_b   121.890
_cell.length_c   136.690
_cell.angle_alpha   90.00
_cell.angle_beta   90.00
_cell.angle_gamma   90.00
#
_symmetry.space_group_name_H-M   'I 21 21 21'
#
loop_
_entity.id
_entity.type
_entity.pdbx_description
1 polymer 'Chitinase-3-like protein 1'
2 branched 2-acetamido-2-deoxy-beta-D-glucopyranose-(1-4)-2-acetamido-2-deoxy-beta-D-glucopyranose
3 non-polymer 2-[4-[(2~{R})-2-[(4-chlorophenyl)methyl]pyrrolidin-1-yl]piperidin-1-yl]pyridine
4 non-polymer 1,2-ETHANEDIOL
5 non-polymer 'SULFATE ION'
6 non-polymer 'CHLORIDE ION'
7 water water
#
_entity_poly.entity_id   1
_entity_poly.type   'polypeptide(L)'
_entity_poly.pdbx_seq_one_letter_code
;MGVKASQTGFVVLVLLQCCSAYKLVCYYTSWSQYREGDGSCFPDALDRFLCTHIIYSFANISNDHIDTWEWNDVTLYGML
NTLKNRNPNLKTLLSVGGWNFGSQRFSKIASNTQSRRTFIKSVPPFLRTHGFDGLDLAWLYPGRRDKQHFTTLIKEMKAE
FIKEAQPGKKQLLLSAALSAGKVTIDSSYDIAKISQHLDFISIMTYDFHGAWRGTTGHHSPLFRGQEDASPDRFSNTDYA
VGYMLRLGAPASKLVMGIPTFGRSFTLASSETGVGAPISGPGIPGRFTKEAGTLAYYEICDFLRGATVHRILGQQVPYAT
KGNQWVGYDDQESVKSKVQYLKDRQLAGAMVWALDLDDFQGSFCGQDLRFPLTNAIKDALAAT
;
_entity_poly.pdbx_strand_id   A,B
#
# COMPACT_ATOMS: atom_id res chain seq x y z
N TYR A 22 -27.96 -1.45 -26.27
CA TYR A 22 -27.01 -1.16 -25.20
C TYR A 22 -27.73 -1.08 -23.85
N LYS A 23 -27.12 -1.68 -22.83
CA LYS A 23 -27.65 -1.56 -21.48
C LYS A 23 -27.14 -0.28 -20.82
N LEU A 24 -28.01 0.38 -20.08
CA LEU A 24 -27.64 1.50 -19.21
C LEU A 24 -28.09 1.12 -17.80
N VAL A 25 -27.14 0.68 -16.99
CA VAL A 25 -27.41 0.24 -15.62
C VAL A 25 -27.12 1.40 -14.69
N CYS A 26 -28.10 1.76 -13.85
CA CYS A 26 -27.99 2.94 -13.00
C CYS A 26 -28.34 2.56 -11.57
N TYR A 27 -27.46 2.91 -10.64
CA TYR A 27 -27.67 2.61 -9.23
C TYR A 27 -28.38 3.77 -8.55
N TYR A 28 -29.33 3.42 -7.68
CA TYR A 28 -29.90 4.38 -6.73
C TYR A 28 -29.58 3.90 -5.32
N THR A 29 -29.14 4.82 -4.48
CA THR A 29 -28.76 4.49 -3.12
C THR A 29 -29.83 5.01 -2.15
N SER A 30 -30.29 4.14 -1.26
CA SER A 30 -31.37 4.51 -0.35
C SER A 30 -30.97 5.62 0.61
N TRP A 31 -29.71 5.63 1.07
CA TRP A 31 -29.31 6.63 2.05
C TRP A 31 -29.36 8.05 1.49
N SER A 32 -29.36 8.20 0.15
CA SER A 32 -29.49 9.54 -0.42
C SER A 32 -30.82 10.20 -0.04
N GLN A 33 -31.79 9.43 0.47
CA GLN A 33 -33.03 10.07 0.92
C GLN A 33 -32.79 11.03 2.07
N TYR A 34 -31.67 10.88 2.80
CA TYR A 34 -31.45 11.62 4.03
C TYR A 34 -30.66 12.91 3.84
N ARG A 35 -30.05 13.12 2.68
CA ARG A 35 -29.24 14.33 2.48
C ARG A 35 -30.10 15.58 2.56
N GLU A 36 -29.49 16.67 3.02
CA GLU A 36 -30.22 17.91 3.28
C GLU A 36 -30.68 18.57 1.97
N GLY A 37 -31.79 19.30 2.07
CA GLY A 37 -32.23 20.20 1.02
C GLY A 37 -32.38 19.54 -0.33
N ASP A 38 -31.86 20.21 -1.36
CA ASP A 38 -31.92 19.71 -2.72
C ASP A 38 -31.10 18.43 -2.90
N GLY A 39 -30.34 18.01 -1.88
CA GLY A 39 -29.64 16.75 -1.95
C GLY A 39 -30.50 15.54 -1.66
N SER A 40 -31.63 15.73 -0.99
CA SER A 40 -32.56 14.63 -0.76
C SER A 40 -33.01 14.06 -2.09
N CYS A 41 -32.90 12.73 -2.22
CA CYS A 41 -33.24 12.06 -3.47
C CYS A 41 -34.05 10.82 -3.15
N PHE A 42 -35.25 10.73 -3.72
CA PHE A 42 -36.15 9.60 -3.60
C PHE A 42 -36.36 8.97 -4.96
N PRO A 43 -36.77 7.70 -5.02
CA PRO A 43 -36.99 7.05 -6.32
C PRO A 43 -37.97 7.77 -7.23
N ASP A 44 -38.96 8.49 -6.70
CA ASP A 44 -39.90 9.19 -7.58
C ASP A 44 -39.27 10.36 -8.31
N ALA A 45 -38.02 10.71 -7.97
CA ALA A 45 -37.29 11.74 -8.69
C ALA A 45 -36.51 11.18 -9.88
N LEU A 46 -36.63 9.87 -10.15
CA LEU A 46 -35.84 9.22 -11.18
C LEU A 46 -36.59 9.18 -12.50
N ASP A 47 -35.92 9.63 -13.56
CA ASP A 47 -36.48 9.59 -14.91
C ASP A 47 -36.71 8.15 -15.33
N ARG A 48 -37.98 7.77 -15.52
CA ARG A 48 -38.33 6.39 -15.82
C ARG A 48 -37.77 5.92 -17.16
N PHE A 49 -37.41 6.84 -18.06
CA PHE A 49 -36.92 6.49 -19.38
C PHE A 49 -35.40 6.60 -19.50
N LEU A 50 -34.72 7.09 -18.47
CA LEU A 50 -33.29 7.34 -18.57
C LEU A 50 -32.50 6.06 -18.82
N CYS A 51 -32.67 5.08 -17.95
CA CYS A 51 -31.86 3.87 -17.95
C CYS A 51 -32.65 2.67 -18.40
N THR A 52 -31.92 1.63 -18.82
CA THR A 52 -32.53 0.34 -19.12
C THR A 52 -32.69 -0.51 -17.87
N HIS A 53 -31.80 -0.36 -16.89
CA HIS A 53 -31.90 -1.02 -15.61
C HIS A 53 -31.59 -0.04 -14.49
N ILE A 54 -32.38 -0.09 -13.42
CA ILE A 54 -32.11 0.66 -12.20
C ILE A 54 -31.96 -0.33 -11.07
N ILE A 55 -30.83 -0.28 -10.36
CA ILE A 55 -30.54 -1.18 -9.26
C ILE A 55 -30.65 -0.42 -7.95
N TYR A 56 -31.43 -0.96 -7.01
CA TYR A 56 -31.60 -0.40 -5.68
C TYR A 56 -30.51 -0.94 -4.76
N SER A 57 -29.85 -0.04 -4.03
N SER A 57 -29.85 -0.04 -4.04
CA SER A 57 -28.75 -0.40 -3.15
CA SER A 57 -28.74 -0.39 -3.15
C SER A 57 -28.97 0.27 -1.80
C SER A 57 -28.97 0.27 -1.80
N PHE A 58 -28.80 -0.48 -0.71
CA PHE A 58 -28.45 -1.90 -0.75
C PHE A 58 -29.45 -2.72 0.09
N ALA A 59 -29.47 -4.03 -0.11
CA ALA A 59 -30.26 -4.93 0.72
C ALA A 59 -29.36 -5.66 1.71
N ASN A 60 -29.95 -6.08 2.83
CA ASN A 60 -29.24 -6.74 3.91
C ASN A 60 -29.40 -8.26 3.81
N ILE A 61 -28.58 -8.97 4.59
CA ILE A 61 -28.79 -10.38 4.86
C ILE A 61 -28.89 -10.55 6.37
N SER A 62 -30.06 -11.01 6.84
CA SER A 62 -30.31 -11.21 8.25
C SER A 62 -30.96 -12.57 8.44
N ASN A 63 -30.48 -13.34 9.41
CA ASN A 63 -30.92 -14.73 9.62
C ASN A 63 -30.77 -15.55 8.34
N ASP A 64 -29.73 -15.25 7.56
CA ASP A 64 -29.44 -15.91 6.28
C ASP A 64 -30.57 -15.73 5.27
N HIS A 65 -31.46 -14.78 5.49
CA HIS A 65 -32.47 -14.38 4.52
C HIS A 65 -32.12 -13.00 3.98
N ILE A 66 -32.39 -12.76 2.69
CA ILE A 66 -32.31 -11.39 2.19
C ILE A 66 -33.39 -10.56 2.87
N ASP A 67 -33.08 -9.31 3.17
CA ASP A 67 -34.01 -8.49 3.92
C ASP A 67 -33.75 -7.02 3.63
N THR A 68 -34.66 -6.19 4.13
CA THR A 68 -34.57 -4.75 3.94
C THR A 68 -33.49 -4.16 4.84
N TRP A 69 -33.11 -2.92 4.54
CA TRP A 69 -32.07 -2.22 5.26
C TRP A 69 -32.57 -0.91 5.85
N GLU A 70 -33.18 -0.05 5.05
CA GLU A 70 -33.78 1.17 5.57
C GLU A 70 -35.19 0.87 6.09
N TRP A 71 -35.61 1.65 7.08
CA TRP A 71 -36.91 1.45 7.71
C TRP A 71 -38.05 1.50 6.69
N ASN A 72 -37.91 2.34 5.68
CA ASN A 72 -38.95 2.57 4.69
C ASN A 72 -38.63 1.90 3.36
N ASP A 73 -37.84 0.83 3.37
CA ASP A 73 -37.39 0.21 2.13
C ASP A 73 -38.56 -0.29 1.30
N VAL A 74 -39.61 -0.81 1.95
CA VAL A 74 -40.77 -1.31 1.20
C VAL A 74 -41.40 -0.17 0.40
N THR A 75 -41.65 0.97 1.06
CA THR A 75 -42.20 2.13 0.38
C THR A 75 -41.32 2.55 -0.78
N LEU A 76 -40.00 2.62 -0.56
CA LEU A 76 -39.10 3.10 -1.61
C LEU A 76 -39.00 2.10 -2.76
N TYR A 77 -39.02 0.80 -2.45
CA TYR A 77 -39.18 -0.23 -3.48
C TYR A 77 -40.38 0.09 -4.36
N GLY A 78 -41.52 0.35 -3.72
CA GLY A 78 -42.71 0.64 -4.50
C GLY A 78 -42.58 1.89 -5.35
N MET A 79 -41.98 2.94 -4.78
CA MET A 79 -41.74 4.16 -5.54
C MET A 79 -40.88 3.90 -6.76
N LEU A 80 -39.86 3.03 -6.61
CA LEU A 80 -39.00 2.71 -7.74
C LEU A 80 -39.74 1.88 -8.78
N ASN A 81 -40.38 0.79 -8.35
CA ASN A 81 -41.03 -0.12 -9.28
C ASN A 81 -42.30 0.45 -9.89
N THR A 82 -42.81 1.56 -9.35
CA THR A 82 -43.89 2.29 -10.01
C THR A 82 -43.46 2.82 -11.37
N LEU A 83 -42.18 3.15 -11.52
CA LEU A 83 -41.69 3.72 -12.77
C LEU A 83 -41.87 2.78 -13.95
N LYS A 84 -42.16 1.49 -13.70
CA LYS A 84 -42.37 0.54 -14.79
C LYS A 84 -43.77 0.63 -15.39
N ASN A 85 -44.76 1.15 -14.65
CA ASN A 85 -46.12 1.21 -15.16
C ASN A 85 -46.18 1.90 -16.52
N ARG A 86 -45.68 3.13 -16.57
CA ARG A 86 -45.67 3.91 -17.81
C ARG A 86 -44.36 3.73 -18.58
N ASN A 87 -43.73 2.56 -18.49
CA ASN A 87 -42.53 2.18 -19.22
C ASN A 87 -42.26 0.69 -18.98
N PRO A 88 -42.88 -0.20 -19.75
CA PRO A 88 -42.75 -1.64 -19.47
C PRO A 88 -41.35 -2.18 -19.70
N ASN A 89 -40.55 -1.57 -20.57
CA ASN A 89 -39.24 -2.12 -20.90
C ASN A 89 -38.23 -1.96 -19.77
N LEU A 90 -38.52 -1.15 -18.76
CA LEU A 90 -37.55 -0.87 -17.69
C LEU A 90 -37.51 -2.03 -16.70
N LYS A 91 -36.29 -2.49 -16.40
CA LYS A 91 -36.08 -3.56 -15.42
C LYS A 91 -35.38 -3.00 -14.19
N THR A 92 -35.72 -3.56 -13.03
CA THR A 92 -35.13 -3.15 -11.77
C THR A 92 -34.55 -4.36 -11.04
N LEU A 93 -33.40 -4.16 -10.39
CA LEU A 93 -32.77 -5.20 -9.58
C LEU A 93 -32.52 -4.65 -8.18
N LEU A 94 -32.42 -5.57 -7.21
CA LEU A 94 -32.04 -5.23 -5.86
C LEU A 94 -30.60 -5.68 -5.62
N SER A 95 -29.76 -4.75 -5.14
CA SER A 95 -28.35 -5.03 -4.89
C SER A 95 -28.15 -5.39 -3.43
N VAL A 96 -27.56 -6.55 -3.18
CA VAL A 96 -27.28 -7.02 -1.83
C VAL A 96 -25.78 -6.91 -1.58
N GLY A 97 -25.41 -6.35 -0.43
CA GLY A 97 -24.00 -6.13 -0.12
C GLY A 97 -23.69 -4.70 0.27
N GLY A 98 -22.77 -4.06 -0.47
CA GLY A 98 -22.28 -2.75 -0.11
C GLY A 98 -21.06 -2.84 0.80
N TRP A 99 -20.47 -1.68 1.09
CA TRP A 99 -19.22 -1.66 1.84
C TRP A 99 -19.40 -1.48 3.34
N ASN A 100 -20.61 -1.18 3.82
CA ASN A 100 -20.91 -1.20 5.25
C ASN A 100 -21.53 -2.51 5.69
N PHE A 101 -21.42 -3.53 4.86
CA PHE A 101 -21.88 -4.90 5.12
C PHE A 101 -20.64 -5.71 5.41
N GLY A 102 -20.59 -6.36 6.57
CA GLY A 102 -19.42 -7.13 6.94
C GLY A 102 -19.06 -8.20 5.93
N SER A 103 -17.96 -8.02 5.20
CA SER A 103 -17.48 -9.08 4.31
C SER A 103 -17.22 -10.36 5.10
N GLN A 104 -16.89 -10.22 6.38
CA GLN A 104 -16.94 -11.34 7.30
C GLN A 104 -18.29 -12.03 7.27
N ARG A 105 -19.37 -11.24 7.34
CA ARG A 105 -20.72 -11.81 7.33
C ARG A 105 -21.02 -12.49 6.02
N PHE A 106 -20.90 -11.77 4.90
CA PHE A 106 -21.14 -12.35 3.58
C PHE A 106 -20.32 -13.61 3.36
N SER A 107 -19.08 -13.63 3.86
CA SER A 107 -18.25 -14.82 3.77
C SER A 107 -18.85 -15.97 4.56
N LYS A 108 -19.30 -15.70 5.79
CA LYS A 108 -19.96 -16.73 6.58
C LYS A 108 -21.18 -17.29 5.86
N ILE A 109 -21.99 -16.41 5.28
CA ILE A 109 -23.20 -16.86 4.59
C ILE A 109 -22.83 -17.70 3.36
N ALA A 110 -21.80 -17.29 2.62
CA ALA A 110 -21.47 -17.97 1.38
C ALA A 110 -20.74 -19.30 1.59
N SER A 111 -19.94 -19.42 2.66
CA SER A 111 -19.18 -20.63 2.90
C SER A 111 -19.99 -21.70 3.61
N ASN A 112 -20.80 -21.30 4.60
CA ASN A 112 -21.70 -22.22 5.27
C ASN A 112 -22.76 -22.70 4.30
N THR A 113 -22.82 -24.02 4.06
CA THR A 113 -23.78 -24.57 3.11
C THR A 113 -25.21 -24.24 3.50
N GLN A 114 -25.54 -24.38 4.79
CA GLN A 114 -26.91 -24.12 5.23
C GLN A 114 -27.29 -22.66 5.04
N SER A 115 -26.44 -21.74 5.49
CA SER A 115 -26.69 -20.31 5.31
C SER A 115 -26.85 -19.99 3.83
N ARG A 116 -25.96 -20.54 3.00
CA ARG A 116 -26.00 -20.27 1.57
C ARG A 116 -27.33 -20.75 0.96
N ARG A 117 -27.74 -21.98 1.28
CA ARG A 117 -28.98 -22.51 0.74
C ARG A 117 -30.19 -21.69 1.20
N THR A 118 -30.18 -21.25 2.47
CA THR A 118 -31.29 -20.45 2.98
C THR A 118 -31.38 -19.11 2.25
N PHE A 119 -30.24 -18.42 2.11
CA PHE A 119 -30.20 -17.14 1.40
C PHE A 119 -30.70 -17.30 -0.04
N ILE A 120 -30.21 -18.33 -0.71
CA ILE A 120 -30.62 -18.58 -2.09
C ILE A 120 -32.12 -18.84 -2.17
N LYS A 121 -32.63 -19.73 -1.30
CA LYS A 121 -34.06 -20.02 -1.28
C LYS A 121 -34.89 -18.76 -1.01
N SER A 122 -34.34 -17.84 -0.20
CA SER A 122 -35.10 -16.66 0.19
C SER A 122 -35.15 -15.59 -0.90
N VAL A 123 -34.15 -15.54 -1.77
CA VAL A 123 -34.07 -14.43 -2.73
C VAL A 123 -35.26 -14.34 -3.67
N PRO A 124 -35.67 -15.41 -4.38
CA PRO A 124 -36.75 -15.27 -5.38
C PRO A 124 -38.09 -14.85 -4.77
N PRO A 125 -38.54 -15.46 -3.67
CA PRO A 125 -39.80 -14.97 -3.08
C PRO A 125 -39.73 -13.51 -2.68
N PHE A 126 -38.58 -13.04 -2.19
CA PHE A 126 -38.42 -11.64 -1.82
C PHE A 126 -38.54 -10.72 -3.03
N LEU A 127 -37.78 -11.03 -4.09
CA LEU A 127 -37.82 -10.20 -5.29
C LEU A 127 -39.22 -10.16 -5.88
N ARG A 128 -39.89 -11.32 -5.94
CA ARG A 128 -41.25 -11.35 -6.46
C ARG A 128 -42.21 -10.55 -5.58
N THR A 129 -42.10 -10.72 -4.26
CA THR A 129 -43.00 -10.02 -3.35
C THR A 129 -42.87 -8.51 -3.48
N HIS A 130 -41.66 -8.01 -3.74
CA HIS A 130 -41.45 -6.56 -3.77
C HIS A 130 -41.26 -6.02 -5.18
N GLY A 131 -41.51 -6.82 -6.21
CA GLY A 131 -41.59 -6.30 -7.57
C GLY A 131 -40.28 -6.13 -8.29
N PHE A 132 -39.23 -6.83 -7.88
CA PHE A 132 -37.94 -6.69 -8.53
C PHE A 132 -37.78 -7.72 -9.64
N ASP A 133 -37.00 -7.35 -10.66
CA ASP A 133 -36.76 -8.21 -11.81
C ASP A 133 -35.52 -9.09 -11.64
N GLY A 134 -34.67 -8.81 -10.65
CA GLY A 134 -33.48 -9.62 -10.48
C GLY A 134 -32.70 -9.18 -9.26
N LEU A 135 -31.55 -9.84 -9.07
CA LEU A 135 -30.65 -9.59 -7.96
C LEU A 135 -29.30 -9.15 -8.49
N ASP A 136 -28.71 -8.16 -7.83
CA ASP A 136 -27.34 -7.73 -8.08
C ASP A 136 -26.48 -8.05 -6.86
N LEU A 137 -25.41 -8.79 -7.08
CA LEU A 137 -24.52 -9.19 -5.98
C LEU A 137 -23.42 -8.16 -5.83
N ALA A 138 -23.36 -7.53 -4.65
CA ALA A 138 -22.38 -6.47 -4.41
C ALA A 138 -21.52 -6.81 -3.20
N TRP A 139 -20.86 -7.96 -3.25
CA TRP A 139 -19.97 -8.41 -2.17
C TRP A 139 -18.63 -7.70 -2.33
N LEU A 140 -18.36 -6.74 -1.45
CA LEU A 140 -17.16 -5.90 -1.55
C LEU A 140 -16.28 -6.13 -0.33
N TYR A 141 -15.37 -7.10 -0.41
CA TYR A 141 -15.13 -7.94 -1.58
C TYR A 141 -14.86 -9.33 -1.04
N PRO A 142 -15.05 -10.37 -1.85
CA PRO A 142 -14.59 -11.70 -1.45
C PRO A 142 -13.10 -11.67 -1.14
N GLY A 143 -12.70 -12.40 -0.11
CA GLY A 143 -11.30 -12.56 0.19
C GLY A 143 -10.66 -13.54 -0.77
N ARG A 144 -9.36 -13.78 -0.54
CA ARG A 144 -8.71 -14.90 -1.22
C ARG A 144 -9.46 -16.20 -0.90
N ARG A 145 -9.56 -16.52 0.40
CA ARG A 145 -10.25 -17.71 0.88
C ARG A 145 -11.70 -17.78 0.43
N ASP A 146 -12.27 -16.68 -0.08
CA ASP A 146 -13.66 -16.67 -0.50
C ASP A 146 -13.87 -16.93 -1.99
N LYS A 147 -12.81 -16.86 -2.81
CA LYS A 147 -13.00 -16.86 -4.26
C LYS A 147 -13.90 -17.99 -4.72
N GLN A 148 -13.52 -19.23 -4.38
CA GLN A 148 -14.32 -20.39 -4.79
C GLN A 148 -15.74 -20.29 -4.25
N HIS A 149 -15.88 -19.96 -2.97
CA HIS A 149 -17.22 -19.75 -2.41
C HIS A 149 -18.03 -18.83 -3.30
N PHE A 150 -17.41 -17.70 -3.69
CA PHE A 150 -18.09 -16.76 -4.57
C PHE A 150 -18.68 -17.49 -5.78
N THR A 151 -17.83 -18.22 -6.50
CA THR A 151 -18.29 -18.95 -7.67
C THR A 151 -19.50 -19.80 -7.33
N THR A 152 -19.38 -20.64 -6.28
CA THR A 152 -20.46 -21.54 -5.93
C THR A 152 -21.75 -20.76 -5.70
N LEU A 153 -21.66 -19.66 -4.95
CA LEU A 153 -22.83 -18.83 -4.72
C LEU A 153 -23.47 -18.45 -6.05
N ILE A 154 -22.69 -17.83 -6.93
CA ILE A 154 -23.22 -17.35 -8.20
C ILE A 154 -23.85 -18.50 -8.97
N LYS A 155 -23.23 -19.68 -8.90
CA LYS A 155 -23.79 -20.81 -9.64
C LYS A 155 -25.13 -21.21 -9.05
N GLU A 156 -25.17 -21.47 -7.75
CA GLU A 156 -26.38 -22.03 -7.17
C GLU A 156 -27.52 -21.03 -7.22
N MET A 157 -27.22 -19.76 -6.97
CA MET A 157 -28.22 -18.70 -7.16
C MET A 157 -28.79 -18.75 -8.57
N LYS A 158 -27.92 -18.82 -9.58
CA LYS A 158 -28.42 -18.85 -10.95
C LYS A 158 -29.30 -20.06 -11.18
N ALA A 159 -28.99 -21.18 -10.51
CA ALA A 159 -29.82 -22.36 -10.65
C ALA A 159 -31.19 -22.13 -10.03
N GLU A 160 -31.24 -21.50 -8.84
CA GLU A 160 -32.51 -21.32 -8.16
C GLU A 160 -33.46 -20.51 -9.02
N PHE A 161 -32.99 -19.38 -9.57
CA PHE A 161 -33.79 -18.59 -10.49
C PHE A 161 -34.34 -19.47 -11.60
N ILE A 162 -33.47 -20.28 -12.21
CA ILE A 162 -33.89 -21.17 -13.29
C ILE A 162 -35.02 -22.08 -12.81
N LYS A 163 -34.88 -22.62 -11.60
CA LYS A 163 -35.93 -23.45 -11.05
C LYS A 163 -37.21 -22.64 -10.82
N GLU A 164 -37.07 -21.43 -10.27
CA GLU A 164 -38.25 -20.66 -9.93
C GLU A 164 -39.01 -20.21 -11.17
N ALA A 165 -38.31 -20.08 -12.30
CA ALA A 165 -38.92 -19.57 -13.51
C ALA A 165 -39.38 -20.67 -14.46
N GLN A 166 -39.00 -21.92 -14.22
CA GLN A 166 -39.30 -23.01 -15.15
C GLN A 166 -40.74 -23.02 -15.65
N PRO A 167 -41.78 -22.97 -14.80
CA PRO A 167 -43.14 -23.00 -15.35
C PRO A 167 -43.50 -21.72 -16.09
N GLY A 168 -42.81 -21.44 -17.19
CA GLY A 168 -43.22 -20.38 -18.10
C GLY A 168 -43.18 -18.98 -17.54
N LYS A 169 -42.29 -18.70 -16.60
CA LYS A 169 -42.16 -17.39 -15.98
C LYS A 169 -40.97 -16.63 -16.55
N LYS A 170 -41.07 -15.31 -16.55
CA LYS A 170 -39.94 -14.48 -16.98
C LYS A 170 -38.83 -14.57 -15.92
N GLN A 171 -37.73 -15.22 -16.29
CA GLN A 171 -36.68 -15.55 -15.34
C GLN A 171 -36.10 -14.30 -14.68
N LEU A 172 -35.78 -14.42 -13.40
CA LEU A 172 -35.12 -13.34 -12.68
C LEU A 172 -33.70 -13.17 -13.19
N LEU A 173 -33.25 -11.92 -13.28
CA LEU A 173 -31.88 -11.65 -13.70
C LEU A 173 -30.92 -11.82 -12.52
N LEU A 174 -29.66 -12.10 -12.84
CA LEU A 174 -28.59 -12.17 -11.86
C LEU A 174 -27.40 -11.41 -12.39
N SER A 175 -26.93 -10.44 -11.60
CA SER A 175 -25.83 -9.59 -11.99
C SER A 175 -24.86 -9.46 -10.81
N ALA A 176 -23.67 -8.95 -11.09
CA ALA A 176 -22.68 -8.75 -10.04
C ALA A 176 -21.85 -7.50 -10.33
N ALA A 177 -21.54 -6.77 -9.26
CA ALA A 177 -20.65 -5.62 -9.31
C ALA A 177 -19.26 -6.08 -8.94
N LEU A 178 -18.34 -6.08 -9.90
CA LEU A 178 -16.99 -6.58 -9.71
C LEU A 178 -15.98 -5.44 -9.69
N SER A 179 -15.03 -5.53 -8.76
CA SER A 179 -13.94 -4.56 -8.66
C SER A 179 -13.20 -4.46 -9.99
N ALA A 180 -12.66 -3.27 -10.24
CA ALA A 180 -11.79 -3.03 -11.39
C ALA A 180 -10.31 -3.11 -11.01
N GLY A 181 -9.99 -3.50 -9.77
CA GLY A 181 -8.61 -3.57 -9.33
C GLY A 181 -7.97 -4.91 -9.58
N LYS A 182 -6.82 -4.91 -10.26
CA LYS A 182 -6.20 -6.15 -10.70
C LYS A 182 -5.94 -7.10 -9.53
N VAL A 183 -5.42 -6.57 -8.43
CA VAL A 183 -5.15 -7.41 -7.25
C VAL A 183 -6.43 -8.05 -6.74
N THR A 184 -7.46 -7.22 -6.53
CA THR A 184 -8.75 -7.74 -6.07
C THR A 184 -9.32 -8.75 -7.06
N ILE A 185 -9.21 -8.47 -8.36
CA ILE A 185 -9.75 -9.40 -9.36
C ILE A 185 -9.03 -10.74 -9.29
N ASP A 186 -7.71 -10.71 -9.09
CA ASP A 186 -6.94 -11.96 -9.07
C ASP A 186 -7.25 -12.78 -7.82
N SER A 187 -7.39 -12.11 -6.67
CA SER A 187 -7.62 -12.88 -5.45
C SER A 187 -9.08 -13.30 -5.26
N SER A 188 -10.03 -12.50 -5.73
CA SER A 188 -11.43 -12.66 -5.37
C SER A 188 -12.25 -13.44 -6.39
N TYR A 189 -12.03 -13.24 -7.69
CA TYR A 189 -12.96 -13.71 -8.70
C TYR A 189 -12.36 -14.80 -9.57
N ASP A 190 -13.22 -15.72 -9.98
CA ASP A 190 -12.95 -16.69 -11.04
C ASP A 190 -13.82 -16.24 -12.22
N ILE A 191 -13.27 -15.33 -13.02
CA ILE A 191 -14.08 -14.61 -14.01
C ILE A 191 -14.69 -15.58 -15.01
N ALA A 192 -13.88 -16.51 -15.53
CA ALA A 192 -14.35 -17.39 -16.58
C ALA A 192 -15.50 -18.27 -16.12
N LYS A 193 -15.46 -18.72 -14.86
CA LYS A 193 -16.53 -19.56 -14.36
C LYS A 193 -17.80 -18.74 -14.08
N ILE A 194 -17.66 -17.61 -13.39
CA ILE A 194 -18.86 -16.90 -12.94
C ILE A 194 -19.55 -16.15 -14.09
N SER A 195 -18.80 -15.69 -15.09
CA SER A 195 -19.45 -15.02 -16.21
C SER A 195 -20.31 -15.96 -17.04
N GLN A 196 -20.20 -17.28 -16.83
CA GLN A 196 -21.14 -18.20 -17.45
C GLN A 196 -22.55 -18.05 -16.88
N HIS A 197 -22.65 -17.71 -15.59
CA HIS A 197 -23.92 -17.70 -14.89
C HIS A 197 -24.52 -16.30 -14.70
N LEU A 198 -23.70 -15.25 -14.72
CA LEU A 198 -24.20 -13.90 -14.55
C LEU A 198 -24.78 -13.37 -15.86
N ASP A 199 -25.94 -12.71 -15.75
CA ASP A 199 -26.53 -12.09 -16.94
C ASP A 199 -25.72 -10.89 -17.41
N PHE A 200 -25.17 -10.12 -16.47
CA PHE A 200 -24.17 -9.13 -16.82
C PHE A 200 -23.27 -8.90 -15.63
N ILE A 201 -22.04 -8.47 -15.92
CA ILE A 201 -21.07 -8.07 -14.93
C ILE A 201 -20.91 -6.56 -15.05
N SER A 202 -21.06 -5.86 -13.93
CA SER A 202 -20.78 -4.43 -13.88
C SER A 202 -19.38 -4.24 -13.29
N ILE A 203 -18.47 -3.73 -14.09
CA ILE A 203 -17.08 -3.55 -13.67
C ILE A 203 -16.92 -2.13 -13.12
N MET A 204 -16.49 -2.04 -11.85
CA MET A 204 -16.45 -0.75 -11.14
C MET A 204 -15.17 0.02 -11.46
N THR A 205 -15.16 0.62 -12.66
CA THR A 205 -13.99 1.31 -13.19
C THR A 205 -13.93 2.75 -12.67
N TYR A 206 -13.82 2.88 -11.36
CA TYR A 206 -13.60 4.15 -10.69
C TYR A 206 -12.98 3.84 -9.35
N ASP A 207 -12.71 4.88 -8.56
CA ASP A 207 -11.97 4.74 -7.31
C ASP A 207 -10.64 4.03 -7.56
N PHE A 208 -9.91 4.49 -8.57
CA PHE A 208 -8.64 3.89 -8.89
C PHE A 208 -7.55 4.49 -8.04
N HIS A 209 -6.66 3.64 -7.52
CA HIS A 209 -5.59 4.07 -6.63
C HIS A 209 -4.29 4.24 -7.41
N GLY A 210 -4.29 5.25 -8.27
CA GLY A 210 -3.14 5.58 -9.08
C GLY A 210 -2.81 7.07 -9.11
N TRP A 212 0.58 7.85 -7.19
CA TRP A 212 1.60 7.66 -6.17
C TRP A 212 1.17 8.35 -4.88
N ARG A 213 1.51 7.76 -3.73
CA ARG A 213 1.04 8.25 -2.44
C ARG A 213 1.34 9.73 -2.27
N GLY A 214 0.38 10.46 -1.71
CA GLY A 214 0.55 11.86 -1.42
C GLY A 214 0.41 12.79 -2.60
N THR A 215 -0.07 12.30 -3.74
CA THR A 215 -0.15 13.09 -4.95
C THR A 215 -1.55 13.06 -5.52
N THR A 216 -1.90 14.11 -6.27
CA THR A 216 -3.16 14.12 -6.99
C THR A 216 -3.16 13.06 -8.08
N GLY A 217 -4.34 12.53 -8.36
CA GLY A 217 -4.51 11.54 -9.41
C GLY A 217 -5.97 11.31 -9.72
N HIS A 218 -6.29 11.02 -10.98
CA HIS A 218 -7.67 10.79 -11.36
C HIS A 218 -8.09 9.37 -10.97
N HIS A 219 -9.25 9.27 -10.32
CA HIS A 219 -9.76 7.98 -9.87
C HIS A 219 -10.48 7.21 -10.98
N SER A 220 -10.83 7.85 -12.08
CA SER A 220 -11.48 7.17 -13.20
C SER A 220 -10.91 7.63 -14.53
N PRO A 221 -9.60 7.43 -14.74
CA PRO A 221 -9.05 7.70 -16.07
C PRO A 221 -9.39 6.57 -17.04
N LEU A 222 -9.55 6.96 -18.31
CA LEU A 222 -9.88 5.98 -19.34
C LEU A 222 -8.67 5.14 -19.72
N PHE A 223 -7.55 5.79 -20.01
CA PHE A 223 -6.31 5.12 -20.38
C PHE A 223 -5.23 5.45 -19.36
N ARG A 224 -4.08 4.77 -19.50
CA ARG A 224 -2.97 4.99 -18.60
C ARG A 224 -2.46 6.43 -18.70
N GLY A 225 -2.47 7.01 -19.88
CA GLY A 225 -1.92 8.34 -20.05
C GLY A 225 -0.40 8.33 -20.03
N GLN A 226 0.16 9.51 -19.75
CA GLN A 226 1.62 9.70 -19.73
C GLN A 226 2.29 8.62 -18.88
N GLU A 227 3.23 7.91 -19.49
CA GLU A 227 3.71 6.66 -18.92
C GLU A 227 4.50 6.87 -17.63
N ASP A 228 5.42 7.83 -17.61
CA ASP A 228 6.24 8.05 -16.43
C ASP A 228 5.51 8.81 -15.33
N ALA A 229 4.25 9.18 -15.53
CA ALA A 229 3.43 9.81 -14.51
C ALA A 229 2.45 8.85 -13.87
N SER A 230 2.47 7.57 -14.28
CA SER A 230 1.58 6.55 -13.77
C SER A 230 2.30 5.68 -12.77
N PRO A 231 1.75 5.47 -11.58
CA PRO A 231 2.38 4.54 -10.63
C PRO A 231 2.44 3.12 -11.15
N ASP A 232 1.48 2.71 -11.97
CA ASP A 232 1.42 1.35 -12.47
C ASP A 232 0.67 1.35 -13.79
N ARG A 233 0.45 0.15 -14.33
CA ARG A 233 -0.23 0.00 -15.62
C ARG A 233 -1.70 -0.38 -15.48
N PHE A 234 -2.17 -0.75 -14.29
CA PHE A 234 -3.50 -1.34 -14.15
C PHE A 234 -4.52 -0.43 -13.48
N SER A 235 -4.18 0.83 -13.23
CA SER A 235 -5.04 1.73 -12.49
C SER A 235 -5.85 2.63 -13.42
N ASN A 236 -6.51 2.04 -14.42
CA ASN A 236 -7.29 2.82 -15.37
C ASN A 236 -8.34 1.93 -16.00
N THR A 237 -9.37 2.58 -16.55
CA THR A 237 -10.52 1.84 -17.08
C THR A 237 -10.10 0.85 -18.16
N ASP A 238 -9.23 1.29 -19.07
CA ASP A 238 -8.87 0.47 -20.23
C ASP A 238 -8.22 -0.84 -19.80
N TYR A 239 -7.28 -0.78 -18.84
CA TYR A 239 -6.64 -2.02 -18.39
C TYR A 239 -7.66 -2.94 -17.75
N ALA A 240 -8.55 -2.43 -16.90
CA ALA A 240 -9.51 -3.30 -16.23
C ALA A 240 -10.43 -3.98 -17.23
N VAL A 241 -10.94 -3.21 -18.20
CA VAL A 241 -11.82 -3.80 -19.21
C VAL A 241 -11.07 -4.88 -20.00
N GLY A 242 -9.87 -4.54 -20.48
CA GLY A 242 -9.10 -5.51 -21.26
C GLY A 242 -8.73 -6.73 -20.44
N TYR A 243 -8.44 -6.56 -19.16
CA TYR A 243 -8.07 -7.67 -18.31
C TYR A 243 -9.25 -8.61 -18.09
N MET A 244 -10.42 -8.06 -17.80
CA MET A 244 -11.57 -8.94 -17.59
C MET A 244 -12.00 -9.61 -18.88
N LEU A 245 -11.83 -8.94 -20.02
CA LEU A 245 -12.00 -9.63 -21.30
C LEU A 245 -11.01 -10.79 -21.42
N ARG A 246 -9.72 -10.51 -21.16
CA ARG A 246 -8.69 -11.55 -21.24
C ARG A 246 -9.04 -12.74 -20.36
N LEU A 247 -9.55 -12.49 -19.15
CA LEU A 247 -9.87 -13.53 -18.18
C LEU A 247 -11.13 -14.32 -18.51
N GLY A 248 -11.83 -13.99 -19.59
CA GLY A 248 -12.92 -14.84 -20.07
C GLY A 248 -14.31 -14.25 -19.95
N ALA A 249 -14.46 -13.02 -19.48
CA ALA A 249 -15.78 -12.39 -19.44
C ALA A 249 -16.18 -11.95 -20.85
N PRO A 250 -17.30 -12.43 -21.39
CA PRO A 250 -17.70 -11.99 -22.73
C PRO A 250 -18.01 -10.50 -22.76
N ALA A 251 -17.67 -9.87 -23.88
CA ALA A 251 -17.96 -8.45 -24.05
C ALA A 251 -19.48 -8.19 -23.99
N SER A 252 -20.27 -9.12 -24.52
CA SER A 252 -21.72 -8.97 -24.50
C SER A 252 -22.30 -9.02 -23.09
N LYS A 253 -21.53 -9.42 -22.08
CA LYS A 253 -21.98 -9.46 -20.70
C LYS A 253 -21.27 -8.43 -19.82
N LEU A 254 -20.54 -7.49 -20.41
CA LEU A 254 -19.70 -6.56 -19.67
C LEU A 254 -20.31 -5.16 -19.73
N VAL A 255 -20.57 -4.57 -18.56
CA VAL A 255 -21.10 -3.22 -18.43
C VAL A 255 -20.06 -2.39 -17.69
N MET A 256 -19.62 -1.30 -18.31
CA MET A 256 -18.48 -0.53 -17.83
C MET A 256 -18.95 0.60 -16.92
N GLY A 257 -18.35 0.69 -15.72
CA GLY A 257 -18.78 1.66 -14.74
C GLY A 257 -18.30 3.05 -15.07
N ILE A 258 -19.19 4.02 -14.95
CA ILE A 258 -18.87 5.43 -15.16
C ILE A 258 -19.35 6.17 -13.93
N PRO A 259 -18.49 6.97 -13.27
CA PRO A 259 -18.90 7.63 -12.03
C PRO A 259 -19.53 8.99 -12.25
N THR A 260 -20.63 9.25 -11.54
CA THR A 260 -21.17 10.60 -11.41
C THR A 260 -20.61 11.33 -10.19
N PHE A 261 -19.42 10.96 -9.75
CA PHE A 261 -18.80 11.59 -8.61
C PHE A 261 -17.32 11.80 -8.90
N GLY A 262 -16.69 12.62 -8.08
CA GLY A 262 -15.27 12.86 -8.19
C GLY A 262 -14.55 12.55 -6.90
N ARG A 263 -13.27 12.21 -7.01
CA ARG A 263 -12.41 12.06 -5.85
C ARG A 263 -11.51 13.29 -5.71
N SER A 264 -11.41 13.79 -4.48
CA SER A 264 -10.84 15.10 -4.22
C SER A 264 -9.66 15.00 -3.27
N PHE A 265 -8.77 15.98 -3.41
CA PHE A 265 -7.59 16.11 -2.58
C PHE A 265 -7.44 17.57 -2.21
N THR A 266 -6.68 17.78 -1.14
CA THR A 266 -6.35 19.11 -0.69
C THR A 266 -4.85 19.30 -0.94
N LEU A 267 -4.51 20.35 -1.68
CA LEU A 267 -3.17 20.50 -2.26
C LEU A 267 -2.18 21.08 -1.26
N ALA A 268 -0.96 20.55 -1.27
CA ALA A 268 0.09 21.01 -0.36
C ALA A 268 0.90 22.18 -0.92
N SER A 269 0.86 22.43 -2.22
CA SER A 269 1.74 23.43 -2.83
C SER A 269 0.95 24.18 -3.89
N SER A 270 1.67 25.04 -4.64
CA SER A 270 1.11 25.72 -5.80
C SER A 270 1.07 24.84 -7.03
N GLU A 271 1.61 23.62 -6.95
CA GLU A 271 1.47 22.66 -8.04
C GLU A 271 0.03 22.16 -8.10
N THR A 272 -0.57 22.25 -9.29
CA THR A 272 -1.97 21.85 -9.47
C THR A 272 -2.15 20.77 -10.55
N GLY A 273 -1.07 20.17 -11.04
CA GLY A 273 -1.16 19.17 -12.07
C GLY A 273 -1.33 17.76 -11.52
N VAL A 274 -1.39 16.80 -12.44
CA VAL A 274 -1.41 15.39 -12.04
C VAL A 274 -0.10 15.05 -11.34
N GLY A 275 -0.21 14.51 -10.13
CA GLY A 275 0.96 14.19 -9.34
C GLY A 275 1.45 15.29 -8.44
N ALA A 276 0.67 16.36 -8.27
CA ALA A 276 1.05 17.39 -7.32
C ALA A 276 0.88 16.88 -5.88
N PRO A 277 1.73 17.33 -4.96
CA PRO A 277 1.65 16.81 -3.59
C PRO A 277 0.41 17.28 -2.86
N ILE A 278 -0.11 16.40 -2.00
CA ILE A 278 -1.31 16.66 -1.22
C ILE A 278 -1.04 16.34 0.24
N SER A 279 -1.85 16.94 1.12
CA SER A 279 -1.81 16.67 2.55
C SER A 279 -2.91 15.70 2.99
N GLY A 280 -3.91 15.46 2.16
CA GLY A 280 -5.00 14.60 2.51
C GLY A 280 -6.18 14.74 1.58
N PRO A 281 -7.29 14.07 1.92
CA PRO A 281 -8.48 14.13 1.06
C PRO A 281 -9.03 15.54 0.99
N GLY A 282 -9.82 15.79 -0.04
CA GLY A 282 -10.41 17.10 -0.22
C GLY A 282 -11.48 17.40 0.80
N ILE A 283 -11.91 18.65 0.81
CA ILE A 283 -12.92 19.14 1.75
C ILE A 283 -14.27 18.51 1.42
N PRO A 284 -15.07 18.12 2.41
CA PRO A 284 -16.35 17.46 2.11
C PRO A 284 -17.33 18.38 1.39
N GLY A 285 -18.18 17.77 0.57
CA GLY A 285 -19.27 18.52 -0.03
C GLY A 285 -20.32 18.91 0.97
N ARG A 286 -21.08 19.95 0.63
CA ARG A 286 -22.12 20.44 1.54
C ARG A 286 -23.20 19.39 1.74
N PHE A 287 -23.52 18.62 0.70
CA PHE A 287 -24.58 17.63 0.75
C PHE A 287 -24.08 16.23 1.04
N THR A 288 -22.98 15.80 0.41
CA THR A 288 -22.55 14.42 0.56
C THR A 288 -21.71 14.21 1.81
N LYS A 289 -21.08 15.26 2.33
CA LYS A 289 -20.44 15.25 3.65
C LYS A 289 -19.46 14.10 3.83
N GLU A 290 -18.58 13.91 2.85
CA GLU A 290 -17.60 12.82 2.91
C GLU A 290 -16.30 13.29 2.26
N ALA A 291 -15.32 13.60 3.11
CA ALA A 291 -14.02 14.09 2.64
C ALA A 291 -13.43 13.17 1.57
N GLY A 292 -12.89 13.78 0.52
CA GLY A 292 -12.30 13.04 -0.56
C GLY A 292 -13.27 12.60 -1.65
N THR A 293 -14.55 12.96 -1.54
CA THR A 293 -15.54 12.63 -2.54
C THR A 293 -16.46 13.83 -2.77
N LEU A 294 -17.02 13.90 -3.97
CA LEU A 294 -17.94 14.99 -4.31
C LEU A 294 -18.95 14.49 -5.33
N ALA A 295 -20.23 14.74 -5.08
CA ALA A 295 -21.24 14.45 -6.09
C ALA A 295 -21.06 15.38 -7.29
N TYR A 296 -21.46 14.92 -8.47
CA TYR A 296 -21.27 15.70 -9.68
C TYR A 296 -21.92 17.08 -9.60
N TYR A 297 -23.09 17.17 -8.98
CA TYR A 297 -23.71 18.49 -8.87
C TYR A 297 -22.97 19.37 -7.87
N GLU A 298 -22.41 18.76 -6.82
CA GLU A 298 -21.49 19.48 -5.95
C GLU A 298 -20.30 20.00 -6.76
N ILE A 299 -19.75 19.17 -7.64
CA ILE A 299 -18.64 19.60 -8.49
C ILE A 299 -19.06 20.77 -9.37
N CYS A 300 -20.29 20.72 -9.91
CA CYS A 300 -20.80 21.84 -10.71
C CYS A 300 -20.79 23.12 -9.91
N ASP A 301 -21.27 23.06 -8.66
CA ASP A 301 -21.14 24.23 -7.78
C ASP A 301 -19.67 24.64 -7.63
N PHE A 302 -18.78 23.65 -7.49
CA PHE A 302 -17.36 23.91 -7.28
C PHE A 302 -16.71 24.53 -8.51
N LEU A 303 -17.22 24.19 -9.70
CA LEU A 303 -16.61 24.67 -10.94
C LEU A 303 -16.72 26.18 -11.09
N ARG A 304 -17.72 26.79 -10.45
CA ARG A 304 -17.86 28.24 -10.47
C ARG A 304 -16.58 28.89 -9.93
N GLY A 305 -15.82 29.52 -10.83
CA GLY A 305 -14.55 30.10 -10.45
C GLY A 305 -13.38 29.15 -10.45
N ALA A 306 -13.57 27.90 -10.86
CA ALA A 306 -12.51 26.92 -10.89
C ALA A 306 -11.87 26.85 -12.27
N THR A 307 -10.71 26.22 -12.35
CA THR A 307 -10.05 25.98 -13.63
C THR A 307 -10.03 24.48 -13.90
N VAL A 308 -10.49 24.11 -15.10
CA VAL A 308 -10.63 22.73 -15.52
C VAL A 308 -9.53 22.41 -16.51
N HIS A 309 -8.85 21.28 -16.31
CA HIS A 309 -7.85 20.77 -17.24
C HIS A 309 -8.23 19.37 -17.66
N ARG A 310 -8.27 19.13 -18.96
CA ARG A 310 -8.44 17.77 -19.46
C ARG A 310 -7.08 17.09 -19.52
N ILE A 311 -6.95 15.94 -18.87
CA ILE A 311 -5.69 15.22 -18.86
C ILE A 311 -5.50 14.58 -20.24
N LEU A 312 -4.43 14.97 -20.93
CA LEU A 312 -4.25 14.60 -22.32
C LEU A 312 -4.33 13.09 -22.52
N GLY A 313 -3.48 12.34 -21.83
CA GLY A 313 -3.43 10.90 -22.05
C GLY A 313 -4.63 10.15 -21.53
N GLN A 314 -5.35 10.74 -20.56
CA GLN A 314 -6.36 9.99 -19.83
C GLN A 314 -7.79 10.36 -20.20
N GLN A 315 -7.99 11.38 -21.03
CA GLN A 315 -9.30 11.71 -21.62
C GLN A 315 -10.34 12.05 -20.57
N VAL A 316 -9.93 12.48 -19.38
CA VAL A 316 -10.85 12.83 -18.32
C VAL A 316 -10.47 14.20 -17.77
N PRO A 317 -11.42 14.96 -17.24
CA PRO A 317 -11.09 16.26 -16.66
C PRO A 317 -10.72 16.17 -15.18
N TYR A 318 -9.99 17.19 -14.74
CA TYR A 318 -9.86 17.50 -13.33
C TYR A 318 -10.10 18.98 -13.17
N ALA A 319 -10.48 19.38 -11.97
CA ALA A 319 -10.74 20.77 -11.64
C ALA A 319 -9.91 21.15 -10.44
N THR A 320 -9.48 22.41 -10.42
CA THR A 320 -8.70 22.92 -9.30
C THR A 320 -9.15 24.34 -8.99
N LYS A 321 -9.10 24.65 -7.70
CA LYS A 321 -9.43 25.98 -7.19
C LYS A 321 -8.86 26.12 -5.78
N GLY A 322 -8.06 27.16 -5.55
CA GLY A 322 -7.39 27.27 -4.27
C GLY A 322 -6.61 26.02 -3.97
N ASN A 323 -6.74 25.53 -2.74
CA ASN A 323 -6.05 24.32 -2.32
C ASN A 323 -6.85 23.06 -2.58
N GLN A 324 -7.85 23.12 -3.47
CA GLN A 324 -8.73 21.99 -3.74
C GLN A 324 -8.52 21.47 -5.16
N TRP A 325 -8.54 20.15 -5.29
CA TRP A 325 -8.28 19.46 -6.55
C TRP A 325 -9.22 18.26 -6.63
N VAL A 326 -10.04 18.17 -7.67
CA VAL A 326 -10.97 17.04 -7.79
C VAL A 326 -10.90 16.47 -9.19
N GLY A 327 -10.75 15.15 -9.29
CA GLY A 327 -10.86 14.46 -10.56
C GLY A 327 -12.25 13.85 -10.69
N TYR A 328 -12.82 13.96 -11.89
CA TYR A 328 -14.21 13.61 -12.11
C TYR A 328 -14.46 13.38 -13.59
N ASP A 329 -15.73 13.18 -13.95
CA ASP A 329 -16.18 12.99 -15.32
C ASP A 329 -17.21 14.05 -15.66
N ASP A 330 -17.15 14.55 -16.89
CA ASP A 330 -18.16 15.46 -17.41
C ASP A 330 -18.76 14.88 -18.69
N GLN A 331 -19.52 15.72 -19.40
CA GLN A 331 -20.24 15.23 -20.58
C GLN A 331 -19.27 14.80 -21.68
N GLU A 332 -18.21 15.57 -21.91
CA GLU A 332 -17.20 15.19 -22.90
C GLU A 332 -16.57 13.85 -22.55
N SER A 333 -16.12 13.70 -21.30
CA SER A 333 -15.38 12.50 -20.94
C SER A 333 -16.27 11.27 -20.95
N VAL A 334 -17.53 11.40 -20.54
CA VAL A 334 -18.42 10.23 -20.60
C VAL A 334 -18.78 9.91 -22.04
N LYS A 335 -18.85 10.93 -22.91
CA LYS A 335 -19.00 10.64 -24.34
C LYS A 335 -17.83 9.80 -24.85
N SER A 336 -16.61 10.17 -24.44
CA SER A 336 -15.44 9.39 -24.84
C SER A 336 -15.48 7.98 -24.27
N LYS A 337 -15.84 7.84 -22.99
CA LYS A 337 -15.91 6.51 -22.36
C LYS A 337 -16.94 5.62 -23.05
N VAL A 338 -18.08 6.21 -23.44
CA VAL A 338 -19.09 5.45 -24.17
C VAL A 338 -18.55 5.04 -25.53
N GLN A 339 -17.85 5.96 -26.22
CA GLN A 339 -17.24 5.62 -27.49
C GLN A 339 -16.29 4.44 -27.34
N TYR A 340 -15.49 4.43 -26.27
CA TYR A 340 -14.60 3.32 -25.99
C TYR A 340 -15.39 2.02 -25.85
N LEU A 341 -16.36 1.99 -24.93
CA LEU A 341 -17.10 0.75 -24.67
C LEU A 341 -17.82 0.26 -25.92
N LYS A 342 -18.28 1.17 -26.77
CA LYS A 342 -18.89 0.75 -28.02
C LYS A 342 -17.87 0.16 -28.98
N ASP A 343 -16.69 0.78 -29.08
CA ASP A 343 -15.59 0.20 -29.85
C ASP A 343 -15.31 -1.22 -29.40
N ARG A 344 -15.32 -1.45 -28.08
CA ARG A 344 -15.05 -2.75 -27.50
C ARG A 344 -16.23 -3.71 -27.58
N GLN A 345 -17.39 -3.25 -28.07
CA GLN A 345 -18.59 -4.08 -28.18
C GLN A 345 -19.04 -4.61 -26.83
N LEU A 346 -19.00 -3.76 -25.81
CA LEU A 346 -19.47 -4.13 -24.49
C LEU A 346 -21.00 -4.05 -24.43
N ALA A 347 -21.56 -4.53 -23.32
CA ALA A 347 -23.02 -4.56 -23.16
C ALA A 347 -23.59 -3.18 -22.86
N GLY A 348 -22.78 -2.24 -22.41
CA GLY A 348 -23.25 -0.90 -22.16
C GLY A 348 -22.44 -0.23 -21.06
N ALA A 349 -23.10 0.69 -20.36
CA ALA A 349 -22.47 1.49 -19.32
C ALA A 349 -23.25 1.33 -18.02
N MET A 350 -22.52 1.34 -16.91
CA MET A 350 -23.10 1.35 -15.58
C MET A 350 -22.76 2.66 -14.90
N VAL A 351 -23.71 3.21 -14.14
CA VAL A 351 -23.58 4.53 -13.54
C VAL A 351 -23.72 4.41 -12.04
N TRP A 352 -22.71 4.88 -11.30
CA TRP A 352 -22.80 5.12 -9.87
C TRP A 352 -22.57 6.60 -9.64
N ALA A 353 -23.62 7.34 -9.27
CA ALA A 353 -24.95 6.81 -9.02
C ALA A 353 -25.99 7.88 -9.40
N LEU A 354 -27.26 7.48 -9.50
CA LEU A 354 -28.28 8.40 -9.99
C LEU A 354 -28.40 9.63 -9.09
N ASP A 355 -28.34 9.43 -7.77
CA ASP A 355 -28.50 10.51 -6.81
C ASP A 355 -27.28 11.41 -6.68
N LEU A 356 -26.16 11.04 -7.31
CA LEU A 356 -24.97 11.89 -7.34
C LEU A 356 -24.91 12.76 -8.58
N ASP A 357 -25.55 12.34 -9.67
CA ASP A 357 -25.81 13.23 -10.79
C ASP A 357 -26.73 14.38 -10.35
N ASP A 358 -26.76 15.44 -11.16
CA ASP A 358 -27.67 16.56 -10.91
C ASP A 358 -29.09 16.11 -11.24
N PHE A 359 -29.72 15.41 -10.30
CA PHE A 359 -31.08 14.93 -10.53
C PHE A 359 -32.09 16.07 -10.48
N GLN A 360 -31.82 17.11 -9.68
CA GLN A 360 -32.68 18.29 -9.69
C GLN A 360 -32.51 19.11 -10.95
N GLY A 361 -31.35 19.02 -11.62
CA GLY A 361 -31.04 19.89 -12.72
C GLY A 361 -30.71 21.32 -12.35
N SER A 362 -30.63 21.63 -11.05
CA SER A 362 -30.48 23.01 -10.62
C SER A 362 -29.04 23.50 -10.67
N PHE A 363 -28.07 22.63 -10.40
CA PHE A 363 -26.71 23.08 -10.16
C PHE A 363 -25.92 23.27 -11.46
N CYS A 364 -26.14 22.40 -12.44
CA CYS A 364 -25.38 22.43 -13.68
C CYS A 364 -26.25 22.85 -14.86
N GLY A 365 -25.57 23.12 -15.98
CA GLY A 365 -26.22 23.29 -17.25
C GLY A 365 -27.35 24.30 -17.22
N GLN A 366 -28.37 24.03 -18.02
CA GLN A 366 -29.55 24.89 -18.13
C GLN A 366 -30.78 24.08 -17.72
N ASP A 367 -30.93 23.84 -16.42
CA ASP A 367 -32.07 23.13 -15.85
C ASP A 367 -32.24 21.74 -16.43
N LEU A 368 -31.19 21.17 -17.01
CA LEU A 368 -31.25 19.82 -17.53
C LEU A 368 -31.09 18.82 -16.39
N ARG A 369 -32.04 17.90 -16.27
CA ARG A 369 -31.96 16.87 -15.26
C ARG A 369 -31.02 15.75 -15.72
N PHE A 370 -30.30 15.18 -14.75
CA PHE A 370 -29.36 14.09 -15.01
C PHE A 370 -28.42 14.40 -16.19
N PRO A 371 -27.71 15.52 -16.16
CA PRO A 371 -26.87 15.88 -17.32
C PRO A 371 -25.87 14.80 -17.68
N LEU A 372 -25.22 14.20 -16.67
CA LEU A 372 -24.22 13.16 -16.95
C LEU A 372 -24.88 11.90 -17.50
N THR A 373 -25.91 11.40 -16.82
CA THR A 373 -26.54 10.16 -17.27
C THR A 373 -27.24 10.35 -18.62
N ASN A 374 -27.81 11.54 -18.85
CA ASN A 374 -28.41 11.79 -20.15
C ASN A 374 -27.35 11.90 -21.23
N ALA A 375 -26.18 12.47 -20.91
CA ALA A 375 -25.07 12.44 -21.84
C ALA A 375 -24.69 11.01 -22.19
N ILE A 376 -24.59 10.15 -21.18
CA ILE A 376 -24.25 8.74 -21.42
C ILE A 376 -25.31 8.09 -22.32
N LYS A 377 -26.59 8.36 -22.05
CA LYS A 377 -27.67 7.73 -22.79
C LYS A 377 -27.66 8.18 -24.25
N ASP A 378 -27.50 9.49 -24.49
CA ASP A 378 -27.40 9.97 -25.86
C ASP A 378 -26.19 9.40 -26.57
N ALA A 379 -25.05 9.34 -25.88
CA ALA A 379 -23.84 8.78 -26.51
C ALA A 379 -24.04 7.32 -26.86
N LEU A 380 -24.80 6.59 -26.05
CA LEU A 380 -25.13 5.21 -26.40
C LEU A 380 -26.05 5.17 -27.61
N ALA A 381 -26.95 6.15 -27.73
CA ALA A 381 -27.94 6.14 -28.79
C ALA A 381 -27.36 6.52 -30.15
N ALA A 382 -26.20 7.17 -30.20
CA ALA A 382 -25.65 7.63 -31.46
C ALA A 382 -25.08 6.46 -32.26
N THR A 383 -24.83 6.72 -33.55
CA THR A 383 -24.30 5.71 -34.45
C THR A 383 -23.22 6.29 -35.36
N TYR B 22 36.73 -3.91 0.05
CA TYR B 22 35.30 -3.84 0.33
C TYR B 22 35.06 -3.35 1.76
N LYS B 23 34.02 -2.54 1.94
CA LYS B 23 33.67 -2.01 3.25
C LYS B 23 32.74 -2.96 3.99
N LEU B 24 32.96 -3.09 5.29
CA LEU B 24 32.09 -3.89 6.17
C LEU B 24 31.67 -2.98 7.32
N VAL B 25 30.46 -2.43 7.23
CA VAL B 25 29.93 -1.49 8.20
C VAL B 25 29.01 -2.25 9.15
N CYS B 26 29.32 -2.26 10.43
CA CYS B 26 28.57 -3.03 11.41
C CYS B 26 28.10 -2.13 12.54
N TYR B 27 26.81 -2.21 12.86
CA TYR B 27 26.24 -1.43 13.95
C TYR B 27 26.36 -2.16 15.27
N TYR B 28 26.64 -1.41 16.33
CA TYR B 28 26.45 -1.87 17.70
C TYR B 28 25.41 -0.99 18.36
N THR B 29 24.52 -1.61 19.12
CA THR B 29 23.45 -0.89 19.80
C THR B 29 23.80 -0.76 21.28
N SER B 30 23.66 0.44 21.82
CA SER B 30 24.01 0.66 23.22
C SER B 30 23.08 -0.15 24.13
N TRP B 31 21.78 -0.16 23.83
CA TRP B 31 20.82 -0.82 24.71
C TRP B 31 21.06 -2.33 24.79
N SER B 32 21.74 -2.92 23.82
CA SER B 32 22.06 -4.34 23.90
C SER B 32 22.91 -4.69 25.11
N GLN B 33 23.50 -3.70 25.79
CA GLN B 33 24.22 -4.01 27.02
C GLN B 33 23.31 -4.55 28.12
N TYR B 34 21.99 -4.40 27.98
CA TYR B 34 21.07 -4.67 29.08
C TYR B 34 20.41 -6.04 29.04
N ARG B 35 20.58 -6.78 27.94
CA ARG B 35 19.92 -8.07 27.81
C ARG B 35 20.41 -9.05 28.86
N GLU B 36 19.51 -9.93 29.31
CA GLU B 36 19.80 -10.85 30.39
C GLU B 36 20.86 -11.86 29.98
N GLY B 37 21.58 -12.38 30.98
CA GLY B 37 22.45 -13.52 30.77
C GLY B 37 23.44 -13.30 29.64
N ASP B 38 23.56 -14.31 28.77
CA ASP B 38 24.47 -14.23 27.64
C ASP B 38 24.03 -13.20 26.59
N GLY B 39 22.77 -12.76 26.64
CA GLY B 39 22.33 -11.71 25.73
C GLY B 39 23.05 -10.40 25.93
N SER B 40 23.57 -10.15 27.13
CA SER B 40 24.29 -8.92 27.41
C SER B 40 25.50 -8.79 26.48
N CYS B 41 25.55 -7.71 25.72
CA CYS B 41 26.62 -7.45 24.78
C CYS B 41 27.24 -6.10 25.09
N PHE B 42 28.55 -6.10 25.32
CA PHE B 42 29.31 -4.88 25.56
C PHE B 42 30.33 -4.67 24.45
N PRO B 43 30.75 -3.43 24.20
CA PRO B 43 31.67 -3.18 23.07
C PRO B 43 33.00 -3.90 23.18
N ASP B 44 33.33 -4.49 24.33
CA ASP B 44 34.56 -5.27 24.47
C ASP B 44 34.42 -6.68 23.92
N ALA B 45 33.19 -7.14 23.70
CA ALA B 45 32.95 -8.47 23.15
C ALA B 45 32.99 -8.51 21.63
N LEU B 46 33.34 -7.42 20.97
CA LEU B 46 33.34 -7.34 19.52
C LEU B 46 34.72 -7.65 18.95
N ASP B 47 34.74 -8.31 17.80
CA ASP B 47 35.97 -8.60 17.08
C ASP B 47 36.44 -7.33 16.36
N ARG B 48 37.66 -6.89 16.69
CA ARG B 48 38.20 -5.66 16.12
C ARG B 48 38.72 -5.82 14.70
N PHE B 49 38.90 -7.06 14.23
CA PHE B 49 39.30 -7.32 12.85
C PHE B 49 38.14 -7.76 11.98
N LEU B 50 36.96 -7.97 12.57
CA LEU B 50 35.82 -8.49 11.82
C LEU B 50 35.29 -7.47 10.83
N CYS B 51 35.06 -6.25 11.28
CA CYS B 51 34.46 -5.21 10.47
C CYS B 51 35.49 -4.13 10.14
N THR B 52 35.24 -3.44 9.03
CA THR B 52 36.02 -2.25 8.71
C THR B 52 35.46 -1.00 9.37
N HIS B 53 34.15 -0.98 9.64
CA HIS B 53 33.49 0.16 10.24
C HIS B 53 32.50 -0.32 11.29
N ILE B 54 32.61 0.20 12.50
CA ILE B 54 31.67 -0.07 13.59
C ILE B 54 30.99 1.24 13.96
N ILE B 55 29.65 1.23 13.99
CA ILE B 55 28.86 2.43 14.23
C ILE B 55 28.11 2.26 15.55
N TYR B 56 28.44 3.12 16.52
CA TYR B 56 27.74 3.17 17.79
C TYR B 56 26.38 3.83 17.62
N SER B 57 25.34 3.20 18.14
CA SER B 57 23.99 3.73 18.01
C SER B 57 23.25 3.52 19.33
N PHE B 58 22.60 4.57 19.83
CA PHE B 58 22.54 5.87 19.14
C PHE B 58 22.96 7.02 20.05
N ALA B 59 23.40 8.11 19.44
CA ALA B 59 23.67 9.35 20.17
C ALA B 59 22.44 10.25 20.11
N ASN B 60 22.29 11.07 21.15
CA ASN B 60 21.08 11.86 21.35
C ASN B 60 21.28 13.31 20.90
N ILE B 61 20.16 14.03 20.84
CA ILE B 61 20.11 15.47 20.59
C ILE B 61 19.64 16.13 21.87
N SER B 62 20.53 16.88 22.53
CA SER B 62 20.17 17.59 23.76
C SER B 62 20.03 19.07 23.45
N ASN B 63 18.87 19.42 22.90
CA ASN B 63 18.54 20.79 22.51
C ASN B 63 19.69 21.42 21.73
N ASP B 64 19.82 20.95 20.49
CA ASP B 64 20.70 21.47 19.44
C ASP B 64 22.16 21.07 19.62
N HIS B 65 22.48 20.20 20.58
CA HIS B 65 23.85 19.72 20.78
C HIS B 65 23.88 18.21 20.68
N ILE B 66 24.95 17.68 20.08
CA ILE B 66 25.15 16.23 20.03
C ILE B 66 25.52 15.75 21.43
N ASP B 67 24.60 15.04 22.07
CA ASP B 67 24.81 14.56 23.43
C ASP B 67 24.88 13.04 23.46
N THR B 68 25.20 12.54 24.64
CA THR B 68 25.16 11.11 24.91
C THR B 68 23.72 10.65 25.12
N TRP B 69 23.52 9.33 25.05
CA TRP B 69 22.21 8.74 25.31
C TRP B 69 22.22 7.91 26.58
N GLU B 70 23.04 6.85 26.63
CA GLU B 70 23.11 6.01 27.82
C GLU B 70 24.06 6.62 28.85
N TRP B 71 23.79 6.31 30.13
CA TRP B 71 24.59 6.87 31.20
C TRP B 71 26.07 6.52 31.04
N ASN B 72 26.36 5.25 30.73
CA ASN B 72 27.72 4.79 30.59
C ASN B 72 28.25 4.91 29.17
N ASP B 73 27.55 5.67 28.30
CA ASP B 73 27.99 5.82 26.91
C ASP B 73 29.45 6.24 26.83
N VAL B 74 29.82 7.30 27.56
CA VAL B 74 31.20 7.79 27.57
C VAL B 74 32.16 6.65 27.88
N THR B 75 31.74 5.72 28.74
CA THR B 75 32.54 4.54 29.02
C THR B 75 32.57 3.59 27.83
N LEU B 76 31.39 3.18 27.32
CA LEU B 76 31.38 2.23 26.22
C LEU B 76 32.06 2.78 24.98
N TYR B 77 31.92 4.10 24.74
CA TYR B 77 32.71 4.76 23.72
C TYR B 77 34.16 4.28 23.81
N GLY B 78 34.77 4.54 24.97
CA GLY B 78 36.10 4.02 25.22
C GLY B 78 36.21 2.53 24.95
N MET B 79 35.30 1.75 25.53
CA MET B 79 35.34 0.30 25.36
C MET B 79 35.42 -0.07 23.89
N LEU B 80 34.74 0.69 23.03
CA LEU B 80 34.77 0.41 21.61
C LEU B 80 36.09 0.88 20.99
N ASN B 81 36.52 2.09 21.32
CA ASN B 81 37.62 2.70 20.58
C ASN B 81 38.98 2.15 20.99
N THR B 82 39.12 1.54 22.17
CA THR B 82 40.33 0.78 22.44
C THR B 82 40.48 -0.43 21.52
N LEU B 83 39.42 -0.83 20.82
CA LEU B 83 39.57 -1.85 19.80
C LEU B 83 40.42 -1.38 18.64
N LYS B 84 40.56 -0.05 18.48
CA LYS B 84 41.43 0.49 17.44
C LYS B 84 42.90 0.40 17.79
N ASN B 85 43.24 -0.06 19.01
CA ASN B 85 44.63 -0.13 19.42
C ASN B 85 45.40 -1.17 18.62
N ARG B 86 44.81 -2.34 18.42
CA ARG B 86 45.49 -3.41 17.69
C ARG B 86 45.15 -3.43 16.21
N ASN B 87 44.14 -2.70 15.77
CA ASN B 87 43.79 -2.59 14.36
C ASN B 87 43.76 -1.12 13.96
N PRO B 88 44.67 -0.66 13.12
CA PRO B 88 44.68 0.76 12.74
C PRO B 88 43.62 1.09 11.70
N ASN B 89 43.46 0.23 10.70
CA ASN B 89 42.50 0.44 9.61
C ASN B 89 41.05 0.39 10.07
N LEU B 90 40.79 0.07 11.34
CA LEU B 90 39.43 0.04 11.86
C LEU B 90 38.95 1.47 12.11
N LYS B 91 37.80 1.82 11.54
CA LYS B 91 37.23 3.15 11.66
C LYS B 91 35.86 3.05 12.31
N THR B 92 35.59 3.94 13.27
CA THR B 92 34.35 3.92 14.04
C THR B 92 33.56 5.20 13.80
N LEU B 93 32.23 5.08 13.79
CA LEU B 93 31.35 6.21 13.62
C LEU B 93 30.31 6.21 14.73
N LEU B 94 29.68 7.37 14.93
CA LEU B 94 28.65 7.56 15.95
C LEU B 94 27.34 7.89 15.24
N SER B 95 26.33 7.06 15.45
CA SER B 95 25.03 7.23 14.80
C SER B 95 24.12 8.08 15.67
N VAL B 96 23.65 9.19 15.11
CA VAL B 96 22.69 10.07 15.79
C VAL B 96 21.31 9.81 15.18
N GLY B 97 20.31 9.65 16.03
CA GLY B 97 18.97 9.39 15.55
C GLY B 97 18.35 8.16 16.18
N GLY B 98 17.94 7.20 15.34
CA GLY B 98 17.20 6.05 15.80
C GLY B 98 15.71 6.23 15.56
N TRP B 99 14.94 5.24 16.03
CA TRP B 99 13.51 5.23 15.80
C TRP B 99 12.68 5.44 17.06
N ASN B 100 13.23 5.12 18.24
CA ASN B 100 12.62 5.51 19.52
C ASN B 100 13.04 6.91 19.94
N PHE B 101 13.52 7.71 18.99
CA PHE B 101 13.96 9.07 19.20
C PHE B 101 12.98 10.00 18.48
N GLY B 102 12.65 11.12 19.11
CA GLY B 102 11.65 12.02 18.58
C GLY B 102 11.90 12.48 17.16
N SER B 103 11.10 12.01 16.20
CA SER B 103 11.26 12.44 14.82
C SER B 103 10.98 13.94 14.67
N GLN B 104 9.94 14.41 15.35
CA GLN B 104 9.69 15.85 15.38
C GLN B 104 10.84 16.58 16.07
N ARG B 105 11.50 15.91 17.02
CA ARG B 105 12.68 16.43 17.69
C ARG B 105 13.95 16.29 16.85
N PHE B 106 13.81 15.81 15.61
CA PHE B 106 14.84 15.92 14.58
C PHE B 106 14.48 16.98 13.56
N SER B 107 13.19 17.09 13.22
CA SER B 107 12.76 18.09 12.27
C SER B 107 12.91 19.50 12.83
N LYS B 108 12.27 19.78 13.97
CA LYS B 108 12.32 21.11 14.56
C LYS B 108 13.76 21.56 14.84
N ILE B 109 14.70 20.63 14.90
CA ILE B 109 16.11 20.96 15.05
C ILE B 109 16.83 21.01 13.71
N ALA B 110 16.22 20.50 12.64
CA ALA B 110 16.81 20.57 11.31
C ALA B 110 16.30 21.72 10.46
N SER B 111 15.22 22.40 10.87
CA SER B 111 14.62 23.43 10.04
C SER B 111 14.96 24.86 10.48
N ASN B 112 15.48 25.04 11.68
CA ASN B 112 15.92 26.35 12.15
C ASN B 112 17.42 26.50 11.86
N THR B 113 17.79 27.62 11.22
CA THR B 113 19.17 27.79 10.78
C THR B 113 20.14 27.84 11.95
N GLN B 114 19.74 28.51 13.05
CA GLN B 114 20.60 28.56 14.23
C GLN B 114 20.82 27.18 14.81
N SER B 115 19.76 26.36 14.85
CA SER B 115 19.87 25.01 15.40
C SER B 115 20.85 24.16 14.58
N ARG B 116 20.67 24.17 13.25
CA ARG B 116 21.58 23.44 12.39
C ARG B 116 23.02 23.93 12.58
N ARG B 117 23.21 25.25 12.68
CA ARG B 117 24.55 25.80 12.85
C ARG B 117 25.20 25.28 14.13
N THR B 118 24.50 25.37 15.26
CA THR B 118 25.11 24.98 16.52
C THR B 118 25.34 23.49 16.59
N PHE B 119 24.42 22.68 16.04
CA PHE B 119 24.61 21.24 16.07
C PHE B 119 25.79 20.82 15.21
N ILE B 120 25.92 21.42 14.02
CA ILE B 120 27.04 21.10 13.15
C ILE B 120 28.35 21.54 13.78
N LYS B 121 28.37 22.70 14.44
CA LYS B 121 29.58 23.14 15.12
C LYS B 121 29.92 22.23 16.29
N SER B 122 28.91 21.65 16.94
CA SER B 122 29.15 20.84 18.14
C SER B 122 29.58 19.42 17.81
N VAL B 123 29.22 18.90 16.63
CA VAL B 123 29.53 17.50 16.31
C VAL B 123 31.03 17.21 16.33
N PRO B 124 31.90 17.98 15.67
CA PRO B 124 33.33 17.60 15.61
C PRO B 124 34.02 17.62 16.96
N PRO B 125 33.78 18.62 17.83
CA PRO B 125 34.40 18.52 19.17
C PRO B 125 34.00 17.28 19.93
N PHE B 126 32.72 16.89 19.86
CA PHE B 126 32.27 15.64 20.46
C PHE B 126 33.03 14.45 19.89
N LEU B 127 33.06 14.35 18.56
CA LEU B 127 33.70 13.20 17.91
C LEU B 127 35.19 13.12 18.24
N ARG B 128 35.85 14.27 18.43
CA ARG B 128 37.26 14.25 18.78
C ARG B 128 37.46 13.95 20.27
N THR B 129 36.57 14.45 21.12
CA THR B 129 36.66 14.21 22.55
C THR B 129 36.49 12.72 22.87
N HIS B 130 35.64 12.03 22.12
CA HIS B 130 35.35 10.63 22.39
C HIS B 130 35.93 9.69 21.34
N GLY B 131 36.85 10.18 20.50
CA GLY B 131 37.64 9.32 19.63
C GLY B 131 36.87 8.58 18.55
N PHE B 132 35.88 9.22 17.95
CA PHE B 132 35.18 8.64 16.82
C PHE B 132 35.78 9.17 15.52
N ASP B 133 35.71 8.35 14.46
CA ASP B 133 36.23 8.76 13.16
C ASP B 133 35.23 9.55 12.33
N GLY B 134 33.96 9.52 12.68
CA GLY B 134 32.97 10.22 11.88
C GLY B 134 31.59 10.11 12.49
N LEU B 135 30.60 10.59 11.73
CA LEU B 135 29.22 10.66 12.17
C LEU B 135 28.33 9.92 11.19
N ASP B 136 27.32 9.23 11.72
CA ASP B 136 26.32 8.53 10.91
C ASP B 136 24.94 9.10 11.20
N LEU B 137 24.24 9.51 10.14
CA LEU B 137 22.92 10.12 10.27
C LEU B 137 21.86 9.03 10.20
N ALA B 138 21.08 8.89 11.26
CA ALA B 138 20.03 7.86 11.32
C ALA B 138 18.67 8.49 11.62
N TRP B 139 18.19 9.35 10.73
CA TRP B 139 16.92 10.03 10.88
C TRP B 139 15.83 9.16 10.27
N LEU B 140 14.94 8.63 11.10
CA LEU B 140 13.91 7.68 10.64
C LEU B 140 12.52 8.18 11.04
N TYR B 141 11.84 8.84 10.10
CA TYR B 141 12.38 9.17 8.80
C TYR B 141 11.98 10.61 8.48
N PRO B 142 12.83 11.33 7.74
CA PRO B 142 12.43 12.68 7.32
C PRO B 142 11.19 12.61 6.46
N GLY B 143 10.29 13.58 6.65
CA GLY B 143 9.09 13.66 5.86
C GLY B 143 9.33 14.36 4.55
N ARG B 144 8.24 14.59 3.82
CA ARG B 144 8.31 15.50 2.69
C ARG B 144 8.66 16.91 3.15
N ARG B 145 7.96 17.39 4.17
CA ARG B 145 8.20 18.72 4.72
C ARG B 145 9.64 18.93 5.17
N ASP B 146 10.40 17.85 5.38
CA ASP B 146 11.78 17.95 5.81
C ASP B 146 12.77 17.34 4.82
N LYS B 147 12.33 17.03 3.59
CA LYS B 147 13.26 16.45 2.63
C LYS B 147 14.37 17.43 2.28
N GLN B 148 14.00 18.58 1.74
CA GLN B 148 14.98 19.56 1.26
C GLN B 148 15.95 19.94 2.37
N HIS B 149 15.43 20.30 3.55
CA HIS B 149 16.30 20.60 4.69
C HIS B 149 17.37 19.54 4.86
N PHE B 150 16.95 18.26 4.89
CA PHE B 150 17.87 17.14 5.03
C PHE B 150 19.08 17.34 4.13
N THR B 151 18.83 17.56 2.83
CA THR B 151 19.91 17.78 1.88
C THR B 151 20.88 18.83 2.40
N THR B 152 20.39 20.06 2.59
CA THR B 152 21.27 21.15 3.02
C THR B 152 22.00 20.76 4.30
N LEU B 153 21.31 20.08 5.21
CA LEU B 153 21.94 19.59 6.43
C LEU B 153 23.24 18.88 6.10
N ILE B 154 23.14 17.79 5.34
CA ILE B 154 24.33 17.02 4.95
C ILE B 154 25.35 17.94 4.30
N LYS B 155 24.88 18.80 3.38
CA LYS B 155 25.80 19.68 2.66
C LYS B 155 26.63 20.52 3.62
N GLU B 156 26.00 21.06 4.65
CA GLU B 156 26.77 21.84 5.60
C GLU B 156 27.53 20.94 6.55
N MET B 157 26.97 19.78 6.91
CA MET B 157 27.66 18.91 7.85
C MET B 157 28.96 18.38 7.26
N LYS B 158 29.00 18.13 5.94
CA LYS B 158 30.28 17.82 5.32
C LYS B 158 31.22 19.02 5.36
N ALA B 159 30.70 20.21 5.05
CA ALA B 159 31.53 21.39 4.89
C ALA B 159 32.39 21.63 6.13
N GLU B 160 31.74 21.79 7.29
CA GLU B 160 32.46 22.02 8.54
C GLU B 160 33.56 20.99 8.74
N PHE B 161 33.29 19.73 8.40
CA PHE B 161 34.29 18.67 8.58
C PHE B 161 35.59 19.04 7.89
N ILE B 162 35.51 19.45 6.63
CA ILE B 162 36.71 19.86 5.89
C ILE B 162 37.41 20.98 6.65
N LYS B 163 36.64 21.98 7.09
CA LYS B 163 37.22 23.05 7.91
C LYS B 163 37.96 22.47 9.11
N GLU B 164 37.31 21.56 9.84
CA GLU B 164 37.96 20.96 11.00
C GLU B 164 39.25 20.25 10.63
N ALA B 165 39.29 19.65 9.44
CA ALA B 165 40.48 18.93 8.99
C ALA B 165 41.43 19.81 8.20
N GLN B 166 41.07 21.07 7.97
CA GLN B 166 41.96 21.98 7.25
C GLN B 166 43.37 22.04 7.82
N PRO B 167 43.57 22.12 9.16
CA PRO B 167 44.96 22.03 9.65
C PRO B 167 45.49 20.61 9.64
N GLY B 168 45.79 20.13 8.42
CA GLY B 168 46.45 18.85 8.19
C GLY B 168 45.98 17.65 9.00
N LYS B 169 44.69 17.59 9.30
CA LYS B 169 44.14 16.51 10.10
C LYS B 169 43.39 15.51 9.23
N LYS B 170 43.39 14.25 9.66
CA LYS B 170 42.61 13.22 8.98
C LYS B 170 41.12 13.53 9.12
N GLN B 171 40.46 13.75 7.98
CA GLN B 171 39.10 14.28 8.00
C GLN B 171 38.11 13.24 8.51
N LEU B 172 37.06 13.74 9.18
CA LEU B 172 36.02 12.88 9.72
C LEU B 172 35.11 12.38 8.61
N LEU B 173 34.52 11.20 8.82
CA LEU B 173 33.62 10.59 7.87
C LEU B 173 32.18 10.99 8.18
N LEU B 174 31.34 10.95 7.15
CA LEU B 174 29.93 11.28 7.31
C LEU B 174 29.09 10.32 6.48
N SER B 175 28.14 9.66 7.14
CA SER B 175 27.32 8.66 6.49
C SER B 175 25.86 8.84 6.89
N ALA B 176 24.97 8.26 6.09
CA ALA B 176 23.55 8.24 6.41
C ALA B 176 22.99 6.86 6.12
N ALA B 177 22.19 6.37 7.04
CA ALA B 177 21.41 5.15 6.83
C ALA B 177 20.06 5.55 6.27
N LEU B 178 19.78 5.11 5.05
CA LEU B 178 18.58 5.55 4.32
C LEU B 178 17.62 4.38 4.15
N SER B 179 16.33 4.71 4.08
CA SER B 179 15.29 3.71 3.96
C SER B 179 15.36 3.01 2.61
N ALA B 180 14.84 1.78 2.56
CA ALA B 180 14.81 0.98 1.35
C ALA B 180 13.41 0.87 0.74
N GLY B 181 12.39 1.42 1.40
CA GLY B 181 11.05 1.39 0.84
C GLY B 181 10.82 2.53 -0.15
N LYS B 182 10.17 2.19 -1.27
CA LYS B 182 10.06 3.12 -2.39
C LYS B 182 9.39 4.42 -1.97
N VAL B 183 8.28 4.34 -1.23
CA VAL B 183 7.54 5.54 -0.83
C VAL B 183 8.45 6.49 -0.06
N THR B 184 9.20 5.97 0.91
CA THR B 184 10.03 6.81 1.76
C THR B 184 11.16 7.45 0.98
N ILE B 185 11.83 6.68 0.11
CA ILE B 185 12.89 7.24 -0.72
C ILE B 185 12.33 8.35 -1.61
N ASP B 186 11.12 8.15 -2.14
CA ASP B 186 10.51 9.18 -2.99
C ASP B 186 10.22 10.44 -2.19
N SER B 187 9.65 10.28 -0.99
CA SER B 187 9.16 11.41 -0.22
C SER B 187 10.22 12.13 0.59
N SER B 188 11.43 11.56 0.75
CA SER B 188 12.37 12.14 1.71
C SER B 188 13.80 12.37 1.22
N TYR B 189 14.21 11.82 0.09
CA TYR B 189 15.62 11.87 -0.29
C TYR B 189 15.82 12.55 -1.64
N ASP B 190 16.76 13.49 -1.68
CA ASP B 190 17.31 13.98 -2.95
C ASP B 190 18.64 13.26 -3.20
N ILE B 191 18.49 11.99 -3.57
CA ILE B 191 19.62 11.05 -3.63
C ILE B 191 20.76 11.63 -4.46
N ALA B 192 20.45 12.23 -5.59
CA ALA B 192 21.48 12.73 -6.49
C ALA B 192 22.36 13.77 -5.81
N LYS B 193 21.74 14.77 -5.17
CA LYS B 193 22.51 15.82 -4.52
C LYS B 193 23.27 15.31 -3.31
N ILE B 194 22.59 14.56 -2.43
CA ILE B 194 23.21 14.13 -1.19
C ILE B 194 24.29 13.08 -1.42
N SER B 195 24.27 12.38 -2.56
CA SER B 195 25.28 11.36 -2.81
C SER B 195 26.67 11.94 -3.03
N GLN B 196 26.77 13.23 -3.33
CA GLN B 196 28.08 13.85 -3.51
C GLN B 196 28.72 14.27 -2.20
N HIS B 197 27.91 14.52 -1.15
CA HIS B 197 28.41 15.01 0.12
C HIS B 197 28.64 13.91 1.14
N LEU B 198 27.89 12.80 1.07
CA LEU B 198 28.07 11.70 2.01
C LEU B 198 29.19 10.78 1.55
N ASP B 199 30.06 10.40 2.49
CA ASP B 199 31.11 9.44 2.17
C ASP B 199 30.53 8.09 1.76
N PHE B 200 29.48 7.64 2.45
CA PHE B 200 28.79 6.43 2.02
C PHE B 200 27.36 6.45 2.55
N ILE B 201 26.50 5.73 1.82
CA ILE B 201 25.08 5.57 2.15
C ILE B 201 24.87 4.11 2.54
N SER B 202 23.98 3.88 3.52
CA SER B 202 23.64 2.53 3.95
C SER B 202 22.15 2.30 3.70
N ILE B 203 21.85 1.33 2.85
CA ILE B 203 20.47 1.01 2.48
C ILE B 203 19.94 -0.04 3.43
N MET B 204 18.90 0.32 4.19
CA MET B 204 18.30 -0.58 5.19
C MET B 204 17.39 -1.59 4.48
N THR B 205 18.04 -2.50 3.74
CA THR B 205 17.33 -3.48 2.92
C THR B 205 16.88 -4.65 3.80
N TYR B 206 15.95 -4.33 4.71
CA TYR B 206 15.31 -5.29 5.60
C TYR B 206 14.11 -4.58 6.19
N ASP B 207 13.33 -5.32 7.00
CA ASP B 207 12.06 -4.84 7.54
C ASP B 207 11.06 -4.51 6.44
N PHE B 208 11.19 -5.17 5.28
CA PHE B 208 10.20 -5.02 4.22
C PHE B 208 8.84 -5.56 4.68
N HIS B 209 7.78 -4.97 4.14
CA HIS B 209 6.43 -5.42 4.48
C HIS B 209 5.68 -5.85 3.23
N GLY B 210 6.31 -6.68 2.40
CA GLY B 210 5.72 -7.04 1.13
C GLY B 210 4.72 -8.17 1.18
N ALA B 211 4.49 -8.75 2.35
CA ALA B 211 3.54 -9.86 2.44
C ALA B 211 2.13 -9.36 2.20
N TRP B 212 1.29 -10.26 1.67
CA TRP B 212 -0.15 -10.03 1.67
C TRP B 212 -0.60 -9.69 3.08
N ARG B 213 -1.62 -8.85 3.18
CA ARG B 213 -2.18 -8.48 4.48
C ARG B 213 -2.56 -9.74 5.25
N GLY B 214 -2.14 -9.79 6.51
CA GLY B 214 -2.46 -10.92 7.36
C GLY B 214 -1.82 -12.23 6.96
N THR B 215 -0.73 -12.20 6.19
CA THR B 215 -0.06 -13.42 5.76
C THR B 215 1.44 -13.35 6.06
N THR B 216 2.06 -14.53 6.15
CA THR B 216 3.50 -14.59 6.35
C THR B 216 4.23 -14.02 5.14
N GLY B 217 5.44 -13.52 5.40
CA GLY B 217 6.31 -13.04 4.35
C GLY B 217 7.67 -12.75 4.92
N HIS B 218 8.66 -12.72 4.03
CA HIS B 218 10.04 -12.51 4.43
C HIS B 218 10.37 -11.02 4.40
N HIS B 219 11.01 -10.53 5.46
CA HIS B 219 11.29 -9.11 5.59
C HIS B 219 12.55 -8.67 4.85
N SER B 220 13.33 -9.59 4.29
CA SER B 220 14.59 -9.24 3.63
C SER B 220 14.87 -10.18 2.45
N PRO B 221 13.95 -10.30 1.50
CA PRO B 221 14.22 -11.11 0.32
C PRO B 221 15.21 -10.41 -0.60
N LEU B 222 16.03 -11.22 -1.28
CA LEU B 222 17.01 -10.63 -2.20
C LEU B 222 16.33 -10.14 -3.47
N PHE B 223 15.44 -10.95 -4.03
CA PHE B 223 14.66 -10.57 -5.21
C PHE B 223 13.18 -10.69 -4.90
N ARG B 224 12.36 -10.35 -5.90
CA ARG B 224 10.91 -10.45 -5.75
C ARG B 224 10.46 -11.91 -5.67
N GLY B 225 11.11 -12.79 -6.42
CA GLY B 225 10.64 -14.16 -6.49
C GLY B 225 9.35 -14.28 -7.26
N GLN B 226 8.44 -15.08 -6.73
CA GLN B 226 7.22 -15.45 -7.45
C GLN B 226 6.34 -14.23 -7.70
N GLU B 227 5.90 -14.07 -8.95
CA GLU B 227 5.28 -12.84 -9.40
C GLU B 227 3.93 -12.59 -8.73
N ASP B 228 3.09 -13.62 -8.62
CA ASP B 228 1.73 -13.44 -8.14
C ASP B 228 1.59 -13.67 -6.63
N ALA B 229 2.70 -13.73 -5.90
CA ALA B 229 2.68 -13.96 -4.46
C ALA B 229 3.17 -12.74 -3.67
N SER B 230 2.81 -11.54 -4.15
CA SER B 230 3.22 -10.26 -3.57
C SER B 230 2.53 -9.11 -4.31
N PRO B 231 2.17 -8.02 -3.61
CA PRO B 231 1.41 -6.94 -4.26
C PRO B 231 2.25 -6.08 -5.17
N ASP B 232 3.50 -5.88 -4.79
CA ASP B 232 4.42 -5.00 -5.49
C ASP B 232 5.74 -5.74 -5.69
N ARG B 233 6.48 -5.29 -6.70
CA ARG B 233 7.84 -5.74 -6.89
C ARG B 233 8.84 -4.81 -6.23
N PHE B 234 8.40 -4.03 -5.23
CA PHE B 234 9.23 -3.02 -4.59
C PHE B 234 9.83 -3.48 -3.28
N SER B 235 9.16 -4.35 -2.53
CA SER B 235 9.57 -4.70 -1.17
C SER B 235 10.61 -5.81 -1.16
N ASN B 236 11.75 -5.54 -1.81
CA ASN B 236 12.86 -6.48 -1.78
C ASN B 236 14.17 -5.75 -2.04
N THR B 237 15.26 -6.42 -1.65
CA THR B 237 16.59 -5.82 -1.70
C THR B 237 16.99 -5.40 -3.11
N ASP B 238 16.73 -6.27 -4.09
CA ASP B 238 17.15 -6.02 -5.46
C ASP B 238 16.57 -4.72 -6.00
N TYR B 239 15.24 -4.56 -5.89
CA TYR B 239 14.63 -3.34 -6.40
C TYR B 239 15.18 -2.11 -5.69
N ALA B 240 15.35 -2.18 -4.38
CA ALA B 240 15.81 -1.02 -3.62
C ALA B 240 17.21 -0.61 -4.07
N VAL B 241 18.12 -1.57 -4.21
CA VAL B 241 19.47 -1.25 -4.65
C VAL B 241 19.44 -0.64 -6.05
N GLY B 242 18.68 -1.26 -6.95
CA GLY B 242 18.60 -0.73 -8.30
C GLY B 242 18.03 0.67 -8.35
N TYR B 243 16.97 0.92 -7.58
CA TYR B 243 16.36 2.24 -7.54
C TYR B 243 17.31 3.28 -6.98
N MET B 244 18.01 2.95 -5.89
CA MET B 244 19.03 3.83 -5.34
C MET B 244 20.03 4.22 -6.42
N LEU B 245 20.58 3.21 -7.11
CA LEU B 245 21.51 3.49 -8.21
C LEU B 245 20.86 4.37 -9.26
N ARG B 246 19.58 4.13 -9.57
CA ARG B 246 18.87 4.87 -10.60
C ARG B 246 18.81 6.36 -10.25
N LEU B 247 18.50 6.67 -8.99
CA LEU B 247 18.29 8.05 -8.57
C LEU B 247 19.59 8.82 -8.37
N GLY B 248 20.73 8.27 -8.77
CA GLY B 248 21.97 9.02 -8.80
C GLY B 248 23.02 8.59 -7.78
N ALA B 249 22.68 7.70 -6.86
CA ALA B 249 23.68 7.23 -5.90
C ALA B 249 24.75 6.41 -6.62
N PRO B 250 26.02 6.72 -6.42
CA PRO B 250 27.08 5.88 -7.01
C PRO B 250 27.29 4.62 -6.21
N ALA B 251 27.46 3.51 -6.93
CA ALA B 251 27.70 2.22 -6.26
C ALA B 251 28.94 2.27 -5.40
N SER B 252 29.91 3.14 -5.73
CA SER B 252 31.11 3.29 -4.93
C SER B 252 30.82 3.78 -3.52
N LYS B 253 29.65 4.36 -3.29
CA LYS B 253 29.25 4.86 -1.98
C LYS B 253 27.95 4.22 -1.51
N LEU B 254 27.73 2.97 -1.87
CA LEU B 254 26.50 2.26 -1.53
C LEU B 254 26.84 1.01 -0.73
N VAL B 255 26.26 0.91 0.47
CA VAL B 255 26.48 -0.20 1.38
C VAL B 255 25.13 -0.84 1.64
N MET B 256 25.02 -2.13 1.38
CA MET B 256 23.75 -2.83 1.39
C MET B 256 23.54 -3.53 2.73
N GLY B 257 22.38 -3.32 3.34
CA GLY B 257 22.13 -3.83 4.68
C GLY B 257 21.68 -5.28 4.63
N ILE B 258 22.31 -6.11 5.46
CA ILE B 258 21.92 -7.49 5.65
C ILE B 258 21.58 -7.66 7.13
N PRO B 259 20.42 -8.23 7.47
CA PRO B 259 20.05 -8.34 8.88
C PRO B 259 20.57 -9.62 9.53
N THR B 260 21.05 -9.47 10.76
CA THR B 260 21.31 -10.60 11.64
C THR B 260 20.14 -10.87 12.58
N PHE B 261 18.93 -10.55 12.13
CA PHE B 261 17.71 -10.82 12.86
C PHE B 261 16.65 -11.28 11.88
N GLY B 262 15.63 -11.93 12.40
CA GLY B 262 14.50 -12.35 11.59
C GLY B 262 13.20 -11.74 12.07
N ARG B 263 12.22 -11.68 11.17
CA ARG B 263 10.88 -11.22 11.52
C ARG B 263 9.94 -12.42 11.56
N SER B 264 9.10 -12.46 12.60
CA SER B 264 8.35 -13.66 12.95
C SER B 264 6.86 -13.38 13.05
N PHE B 265 6.07 -14.44 12.88
CA PHE B 265 4.62 -14.42 12.94
C PHE B 265 4.11 -15.67 13.64
N THR B 266 2.90 -15.54 14.18
CA THR B 266 2.13 -16.65 14.72
C THR B 266 1.12 -17.09 13.66
N LEU B 267 1.27 -18.32 13.17
CA LEU B 267 0.39 -18.82 12.13
C LEU B 267 -1.04 -18.98 12.65
N ALA B 268 -2.01 -18.58 11.82
CA ALA B 268 -3.41 -18.53 12.23
C ALA B 268 -4.13 -19.82 11.88
N SER B 269 -4.01 -20.25 10.64
CA SER B 269 -4.47 -21.56 10.26
C SER B 269 -3.29 -22.50 10.35
N SER B 270 -3.31 -23.51 9.53
CA SER B 270 -2.29 -24.53 9.69
C SER B 270 -1.25 -24.49 8.60
N GLU B 271 -1.56 -23.84 7.48
CA GLU B 271 -0.58 -23.62 6.42
C GLU B 271 0.67 -22.94 6.97
N THR B 272 1.81 -23.21 6.29
CA THR B 272 3.09 -22.69 6.75
C THR B 272 3.96 -22.12 5.64
N GLY B 273 3.46 -22.00 4.42
CA GLY B 273 4.24 -21.41 3.35
C GLY B 273 4.21 -19.90 3.39
N VAL B 274 4.90 -19.30 2.43
CA VAL B 274 4.76 -17.87 2.21
C VAL B 274 3.32 -17.58 1.82
N GLY B 275 2.74 -16.54 2.42
CA GLY B 275 1.35 -16.23 2.16
C GLY B 275 0.35 -16.98 3.01
N ALA B 276 0.82 -17.72 4.02
CA ALA B 276 -0.09 -18.39 4.93
C ALA B 276 -0.69 -17.39 5.91
N PRO B 277 -1.93 -17.60 6.37
CA PRO B 277 -2.56 -16.64 7.27
C PRO B 277 -1.87 -16.58 8.63
N ILE B 278 -1.94 -15.41 9.25
CA ILE B 278 -1.35 -15.17 10.56
C ILE B 278 -2.37 -14.53 11.48
N SER B 279 -2.23 -14.79 12.77
CA SER B 279 -3.05 -14.17 13.79
C SER B 279 -2.31 -13.06 14.53
N GLY B 280 -1.10 -12.71 14.09
CA GLY B 280 -0.33 -11.69 14.73
C GLY B 280 1.16 -11.97 14.70
N PRO B 281 1.95 -11.16 15.42
CA PRO B 281 3.40 -11.32 15.39
C PRO B 281 3.85 -12.56 16.15
N GLY B 282 5.11 -12.92 15.92
CA GLY B 282 5.67 -14.10 16.57
C GLY B 282 5.92 -13.90 18.04
N ILE B 283 6.01 -15.02 18.74
CA ILE B 283 6.30 -15.04 20.18
C ILE B 283 7.67 -14.39 20.43
N PRO B 284 7.82 -13.56 21.46
CA PRO B 284 9.10 -12.88 21.67
C PRO B 284 10.23 -13.85 22.01
N GLY B 285 11.45 -13.45 21.64
CA GLY B 285 12.62 -14.19 22.04
C GLY B 285 12.96 -13.99 23.50
N ARG B 286 13.67 -14.99 24.06
CA ARG B 286 14.01 -14.94 25.48
C ARG B 286 14.84 -13.70 25.82
N PHE B 287 15.74 -13.30 24.92
CA PHE B 287 16.67 -12.23 25.21
C PHE B 287 16.26 -10.89 24.61
N THR B 288 15.80 -10.88 23.37
CA THR B 288 15.49 -9.60 22.71
C THR B 288 14.11 -9.08 23.10
N LYS B 289 13.20 -9.97 23.48
CA LYS B 289 11.95 -9.61 24.17
C LYS B 289 11.16 -8.54 23.39
N GLU B 290 10.86 -8.84 22.14
CA GLU B 290 10.13 -7.90 21.30
C GLU B 290 9.36 -8.69 20.24
N ALA B 291 8.05 -8.80 20.44
CA ALA B 291 7.19 -9.62 19.58
C ALA B 291 7.39 -9.29 18.11
N GLY B 292 7.47 -10.34 17.29
CA GLY B 292 7.68 -10.20 15.87
C GLY B 292 9.11 -10.11 15.42
N THR B 293 10.07 -10.22 16.34
CA THR B 293 11.48 -10.18 16.00
C THR B 293 12.22 -11.28 16.74
N LEU B 294 13.32 -11.74 16.14
CA LEU B 294 14.21 -12.67 16.81
C LEU B 294 15.64 -12.33 16.42
N ALA B 295 16.56 -12.49 17.36
CA ALA B 295 17.98 -12.39 17.03
C ALA B 295 18.48 -13.70 16.44
N TYR B 296 19.54 -13.63 15.65
CA TYR B 296 20.02 -14.81 14.94
C TYR B 296 20.37 -15.94 15.91
N TYR B 297 20.92 -15.62 17.08
CA TYR B 297 21.24 -16.68 18.03
C TYR B 297 19.98 -17.28 18.64
N GLU B 298 18.96 -16.45 18.89
CA GLU B 298 17.65 -16.97 19.26
C GLU B 298 17.07 -17.84 18.15
N ILE B 299 17.30 -17.45 16.89
CA ILE B 299 16.84 -18.25 15.76
C ILE B 299 17.55 -19.60 15.75
N CYS B 300 18.86 -19.60 15.99
CA CYS B 300 19.61 -20.85 16.07
C CYS B 300 19.04 -21.76 17.14
N ASP B 301 18.63 -21.18 18.28
CA ASP B 301 17.91 -21.96 19.27
C ASP B 301 16.60 -22.50 18.69
N PHE B 302 15.84 -21.62 18.03
CA PHE B 302 14.56 -21.98 17.42
C PHE B 302 14.72 -23.07 16.38
N LEU B 303 15.84 -23.10 15.66
CA LEU B 303 16.04 -24.06 14.58
C LEU B 303 16.04 -25.50 15.09
N ARG B 304 16.28 -25.71 16.37
CA ARG B 304 16.22 -27.05 16.94
C ARG B 304 14.77 -27.53 16.92
N GLY B 305 14.52 -28.55 16.10
CA GLY B 305 13.17 -29.04 15.90
C GLY B 305 12.37 -28.32 14.83
N ALA B 306 12.92 -27.29 14.21
CA ALA B 306 12.23 -26.51 13.20
C ALA B 306 12.58 -27.01 11.81
N THR B 307 11.71 -26.71 10.86
CA THR B 307 11.95 -27.04 9.46
C THR B 307 12.28 -25.77 8.68
N VAL B 308 13.41 -25.79 7.98
CA VAL B 308 13.91 -24.66 7.21
C VAL B 308 13.49 -24.86 5.75
N HIS B 309 12.93 -23.82 5.17
CA HIS B 309 12.59 -23.80 3.75
C HIS B 309 13.31 -22.63 3.10
N ARG B 310 13.95 -22.88 1.98
CA ARG B 310 14.59 -21.84 1.19
C ARG B 310 13.58 -21.35 0.16
N ILE B 311 13.15 -20.09 0.29
CA ILE B 311 12.19 -19.54 -0.65
C ILE B 311 12.87 -19.44 -2.01
N LEU B 312 12.29 -20.10 -3.02
CA LEU B 312 12.96 -20.30 -4.29
C LEU B 312 13.42 -18.98 -4.90
N GLY B 313 12.49 -18.08 -5.19
CA GLY B 313 12.85 -16.87 -5.91
C GLY B 313 13.56 -15.81 -5.09
N GLN B 314 13.46 -15.88 -3.77
CA GLN B 314 13.96 -14.80 -2.93
C GLN B 314 15.32 -15.08 -2.30
N GLN B 315 15.87 -16.29 -2.49
CA GLN B 315 17.23 -16.64 -2.06
C GLN B 315 17.42 -16.47 -0.55
N VAL B 316 16.37 -16.66 0.23
CA VAL B 316 16.45 -16.50 1.68
C VAL B 316 15.61 -17.57 2.36
N PRO B 317 15.99 -17.92 3.60
CA PRO B 317 15.23 -18.95 4.31
C PRO B 317 14.19 -18.41 5.28
N TYR B 318 13.16 -19.22 5.48
CA TYR B 318 12.31 -19.13 6.65
C TYR B 318 12.34 -20.45 7.39
N ALA B 319 12.02 -20.40 8.67
CA ALA B 319 11.91 -21.58 9.49
C ALA B 319 10.53 -21.60 10.12
N THR B 320 9.90 -22.76 10.14
CA THR B 320 8.61 -22.89 10.78
C THR B 320 8.66 -24.01 11.80
N LYS B 321 7.84 -23.84 12.85
CA LYS B 321 7.85 -24.79 13.96
C LYS B 321 6.60 -24.51 14.81
N GLY B 322 5.70 -25.48 14.87
CA GLY B 322 4.42 -25.27 15.54
C GLY B 322 3.68 -24.13 14.88
N ASN B 323 3.19 -23.20 15.72
CA ASN B 323 2.47 -22.04 15.21
C ASN B 323 3.39 -20.85 14.97
N GLN B 324 4.71 -21.06 14.91
CA GLN B 324 5.64 -19.97 14.70
C GLN B 324 6.31 -20.09 13.33
N TRP B 325 6.63 -18.92 12.78
CA TRP B 325 7.16 -18.79 11.43
C TRP B 325 8.10 -17.59 11.44
N VAL B 326 9.35 -17.76 11.00
CA VAL B 326 10.30 -16.65 11.04
C VAL B 326 11.11 -16.62 9.77
N GLY B 327 11.21 -15.45 9.15
CA GLY B 327 12.04 -15.24 7.98
C GLY B 327 13.33 -14.54 8.37
N TYR B 328 14.45 -15.10 7.93
CA TYR B 328 15.73 -14.64 8.42
C TYR B 328 16.80 -14.87 7.37
N ASP B 329 18.06 -14.63 7.76
CA ASP B 329 19.21 -14.85 6.90
C ASP B 329 20.18 -15.82 7.57
N ASP B 330 20.69 -16.77 6.80
CA ASP B 330 21.73 -17.68 7.28
C ASP B 330 23.00 -17.46 6.47
N GLN B 331 24.01 -18.29 6.74
CA GLN B 331 25.29 -18.14 6.06
C GLN B 331 25.14 -18.25 4.54
N GLU B 332 24.33 -19.21 4.07
CA GLU B 332 24.09 -19.35 2.64
C GLU B 332 23.49 -18.07 2.06
N SER B 333 22.44 -17.55 2.69
CA SER B 333 21.74 -16.41 2.12
C SER B 333 22.59 -15.15 2.18
N VAL B 334 23.36 -14.96 3.25
CA VAL B 334 24.23 -13.79 3.29
C VAL B 334 25.34 -13.92 2.26
N LYS B 335 25.79 -15.14 1.96
CA LYS B 335 26.74 -15.31 0.87
C LYS B 335 26.11 -14.93 -0.46
N SER B 336 24.86 -15.32 -0.68
CA SER B 336 24.15 -14.90 -1.90
C SER B 336 24.04 -13.38 -1.97
N LYS B 337 23.77 -12.74 -0.84
CA LYS B 337 23.60 -11.29 -0.84
C LYS B 337 24.91 -10.57 -1.10
N VAL B 338 26.02 -11.09 -0.54
CA VAL B 338 27.33 -10.53 -0.83
C VAL B 338 27.69 -10.74 -2.29
N GLN B 339 27.28 -11.86 -2.88
CA GLN B 339 27.50 -12.08 -4.31
C GLN B 339 26.74 -11.03 -5.13
N TYR B 340 25.46 -10.83 -4.82
CA TYR B 340 24.67 -9.80 -5.50
C TYR B 340 25.33 -8.43 -5.34
N LEU B 341 25.90 -8.19 -4.18
CA LEU B 341 26.59 -6.91 -3.88
C LEU B 341 27.78 -6.76 -4.82
N LYS B 342 28.66 -7.75 -4.82
CA LYS B 342 29.89 -7.66 -5.60
C LYS B 342 29.60 -7.55 -7.10
N ASP B 343 28.56 -8.25 -7.57
CA ASP B 343 28.15 -8.10 -8.97
C ASP B 343 27.84 -6.64 -9.29
N ARG B 344 26.98 -6.02 -8.47
CA ARG B 344 26.61 -4.62 -8.62
C ARG B 344 27.75 -3.67 -8.31
N GLN B 345 28.91 -4.18 -7.90
CA GLN B 345 30.08 -3.36 -7.60
C GLN B 345 29.76 -2.31 -6.54
N LEU B 346 28.99 -2.71 -5.54
CA LEU B 346 28.68 -1.82 -4.42
C LEU B 346 29.92 -1.63 -3.55
N ALA B 347 29.81 -0.68 -2.61
CA ALA B 347 30.94 -0.41 -1.72
C ALA B 347 31.17 -1.57 -0.76
N GLY B 348 30.10 -2.17 -0.25
CA GLY B 348 30.24 -3.29 0.67
C GLY B 348 28.90 -3.66 1.26
N ALA B 349 28.97 -4.25 2.46
CA ALA B 349 27.79 -4.70 3.18
C ALA B 349 27.69 -4.00 4.53
N MET B 350 26.47 -3.65 4.93
CA MET B 350 26.18 -3.13 6.26
C MET B 350 25.44 -4.19 7.04
N VAL B 351 25.77 -4.31 8.33
CA VAL B 351 25.19 -5.33 9.20
C VAL B 351 24.49 -4.64 10.36
N TRP B 352 23.18 -4.89 10.48
CA TRP B 352 22.44 -4.54 11.70
C TRP B 352 21.95 -5.85 12.32
N ALA B 353 22.48 -6.20 13.49
CA ALA B 353 23.56 -5.48 14.15
C ALA B 353 24.47 -6.50 14.83
N LEU B 354 25.65 -6.06 15.28
CA LEU B 354 26.62 -7.03 15.79
C LEU B 354 26.09 -7.80 16.98
N ASP B 355 25.40 -7.11 17.90
CA ASP B 355 24.88 -7.75 19.10
C ASP B 355 23.71 -8.68 18.84
N LEU B 356 23.18 -8.71 17.62
CA LEU B 356 22.12 -9.65 17.27
C LEU B 356 22.65 -10.93 16.62
N ASP B 357 23.85 -10.88 16.05
CA ASP B 357 24.56 -12.09 15.64
C ASP B 357 24.95 -12.90 16.88
N ASP B 358 25.30 -14.16 16.66
CA ASP B 358 25.75 -15.02 17.76
C ASP B 358 27.16 -14.58 18.15
N PHE B 359 27.22 -13.46 18.89
CA PHE B 359 28.51 -12.85 19.21
C PHE B 359 29.30 -13.68 20.21
N GLN B 360 28.64 -14.46 21.06
CA GLN B 360 29.33 -15.33 22.00
C GLN B 360 29.63 -16.71 21.41
N GLY B 361 29.03 -17.05 20.26
CA GLY B 361 29.24 -18.33 19.64
C GLY B 361 28.61 -19.51 20.35
N SER B 362 27.74 -19.26 21.33
CA SER B 362 27.24 -20.30 22.22
C SER B 362 25.88 -20.86 21.81
N PHE B 363 25.31 -20.40 20.71
CA PHE B 363 23.98 -20.84 20.31
C PHE B 363 23.96 -21.60 18.99
N CYS B 364 24.74 -21.16 18.00
CA CYS B 364 24.70 -21.75 16.67
C CYS B 364 25.74 -22.85 16.49
N GLY B 365 26.19 -23.48 17.57
CA GLY B 365 27.13 -24.56 17.48
C GLY B 365 28.50 -24.10 16.98
N GLN B 366 29.38 -25.08 16.81
CA GLN B 366 30.72 -24.88 16.26
C GLN B 366 31.58 -23.97 17.13
N ASP B 367 31.04 -23.54 18.28
CA ASP B 367 31.76 -22.67 19.23
C ASP B 367 32.31 -21.42 18.55
N LEU B 368 31.74 -21.04 17.40
CA LEU B 368 32.31 -20.01 16.54
C LEU B 368 31.53 -18.71 16.68
N ARG B 369 32.24 -17.62 16.93
CA ARG B 369 31.63 -16.33 17.19
C ARG B 369 31.30 -15.60 15.89
N PHE B 370 30.19 -14.86 15.92
CA PHE B 370 29.75 -14.01 14.80
C PHE B 370 29.61 -14.79 13.49
N PRO B 371 28.85 -15.89 13.47
CA PRO B 371 28.83 -16.72 12.25
C PRO B 371 28.31 -16.00 11.03
N LEU B 372 27.26 -15.19 11.17
CA LEU B 372 26.70 -14.46 10.02
C LEU B 372 27.68 -13.40 9.52
N THR B 373 28.21 -12.59 10.44
CA THR B 373 29.13 -11.53 10.01
C THR B 373 30.43 -12.11 9.48
N ASN B 374 30.90 -13.21 10.06
CA ASN B 374 32.10 -13.84 9.53
C ASN B 374 31.83 -14.41 8.14
N ALA B 375 30.64 -14.98 7.92
CA ALA B 375 30.28 -15.41 6.57
C ALA B 375 30.29 -14.22 5.60
N ILE B 376 29.77 -13.08 6.05
CA ILE B 376 29.76 -11.87 5.20
C ILE B 376 31.18 -11.44 4.86
N LYS B 377 32.07 -11.43 5.86
CA LYS B 377 33.44 -10.98 5.63
C LYS B 377 34.18 -11.95 4.70
N ASP B 378 34.03 -13.26 4.94
CA ASP B 378 34.64 -14.25 4.05
C ASP B 378 34.14 -14.07 2.61
N ALA B 379 32.82 -13.95 2.44
CA ALA B 379 32.26 -13.80 1.10
C ALA B 379 32.76 -12.53 0.43
N LEU B 380 32.95 -11.46 1.20
CA LEU B 380 33.50 -10.24 0.63
C LEU B 380 34.95 -10.42 0.20
N ALA B 381 35.76 -11.07 1.04
CA ALA B 381 37.17 -11.27 0.73
C ALA B 381 37.42 -12.39 -0.29
N ALA B 382 36.44 -13.23 -0.55
CA ALA B 382 36.65 -14.41 -1.38
C ALA B 382 36.61 -14.04 -2.87
N THR B 383 37.03 -15.00 -3.70
CA THR B 383 37.04 -14.83 -5.15
C THR B 383 36.71 -16.15 -5.84
#